data_2EMA
#
_entry.id   2EMA
#
loop_
_entity.id
_entity.type
_entity.pdbx_description
1 polymer 'Zinc finger protein 347'
2 non-polymer 'ZINC ION'
#
_entity_poly.entity_id   1
_entity_poly.type   'polypeptide(L)'
_entity_poly.pdbx_seq_one_letter_code
;GSSGSSGTGEKRYKCNECGKVFSRNSQLSQHQKIHTGEKPSGPSSG
;
_entity_poly.pdbx_strand_id   A
#
loop_
_chem_comp.id
_chem_comp.type
_chem_comp.name
_chem_comp.formula
ZN non-polymer 'ZINC ION' 'Zn 2'
#
# COMPACT_ATOMS: atom_id res chain seq x y z
N GLY A 1 23.94 -3.47 -12.26
CA GLY A 1 23.15 -2.28 -12.07
C GLY A 1 21.92 -2.23 -12.95
N SER A 2 20.74 -2.19 -12.33
CA SER A 2 19.50 -2.15 -13.08
C SER A 2 18.86 -0.76 -13.01
N SER A 3 19.34 0.15 -13.85
CA SER A 3 18.83 1.51 -13.89
C SER A 3 18.43 1.97 -12.49
N GLY A 4 19.27 1.65 -11.51
CA GLY A 4 19.00 2.05 -10.14
C GLY A 4 20.21 2.65 -9.46
N SER A 5 20.96 3.46 -10.20
CA SER A 5 22.16 4.09 -9.66
C SER A 5 21.84 4.89 -8.40
N SER A 6 20.87 5.80 -8.51
CA SER A 6 20.45 6.63 -7.39
C SER A 6 18.95 6.55 -7.18
N GLY A 7 18.52 6.78 -5.94
CA GLY A 7 17.10 6.73 -5.62
C GLY A 7 16.85 6.61 -4.14
N THR A 8 17.62 5.76 -3.47
CA THR A 8 17.47 5.55 -2.03
C THR A 8 17.11 6.85 -1.32
N GLY A 9 15.84 7.00 -0.98
CA GLY A 9 15.38 8.19 -0.30
C GLY A 9 13.88 8.24 -0.15
N GLU A 10 13.17 8.17 -1.28
CA GLU A 10 11.71 8.21 -1.27
C GLU A 10 11.13 6.84 -1.60
N LYS A 11 11.09 5.96 -0.61
CA LYS A 11 10.57 4.62 -0.81
C LYS A 11 9.14 4.67 -1.34
N ARG A 12 8.97 4.25 -2.60
CA ARG A 12 7.65 4.26 -3.22
C ARG A 12 6.82 3.08 -2.73
N TYR A 13 6.21 3.24 -1.56
CA TYR A 13 5.39 2.20 -0.97
C TYR A 13 4.18 1.89 -1.87
N LYS A 14 4.15 0.68 -2.41
CA LYS A 14 3.05 0.26 -3.28
C LYS A 14 1.95 -0.43 -2.48
N CYS A 15 0.70 -0.10 -2.78
CA CYS A 15 -0.43 -0.69 -2.09
C CYS A 15 -0.70 -2.10 -2.58
N ASN A 16 -0.48 -3.08 -1.71
CA ASN A 16 -0.69 -4.49 -2.06
C ASN A 16 -2.17 -4.76 -2.33
N GLU A 17 -3.03 -3.85 -1.89
CA GLU A 17 -4.46 -3.99 -2.08
C GLU A 17 -4.85 -3.65 -3.51
N CYS A 18 -4.74 -2.37 -3.88
CA CYS A 18 -5.08 -1.92 -5.22
C CYS A 18 -3.86 -1.97 -6.13
N GLY A 19 -2.74 -1.43 -5.65
CA GLY A 19 -1.53 -1.42 -6.43
C GLY A 19 -1.03 0.00 -6.72
N LYS A 20 -1.51 0.96 -5.94
CA LYS A 20 -1.11 2.35 -6.12
C LYS A 20 0.20 2.63 -5.40
N VAL A 21 0.60 3.89 -5.41
CA VAL A 21 1.85 4.31 -4.75
C VAL A 21 1.67 5.65 -4.04
N PHE A 22 2.47 5.85 -3.00
CA PHE A 22 2.40 7.09 -2.22
C PHE A 22 3.80 7.62 -1.92
N SER A 23 3.93 8.93 -1.81
CA SER A 23 5.21 9.56 -1.53
C SER A 23 5.75 9.11 -0.18
N ARG A 24 4.86 8.97 0.79
CA ARG A 24 5.24 8.53 2.13
C ARG A 24 4.40 7.36 2.59
N ASN A 25 4.95 6.55 3.48
CA ASN A 25 4.24 5.39 4.01
C ASN A 25 3.07 5.82 4.89
N SER A 26 3.25 6.92 5.60
CA SER A 26 2.20 7.44 6.48
C SER A 26 0.93 7.77 5.69
N GLN A 27 1.09 7.95 4.38
CA GLN A 27 -0.04 8.27 3.52
C GLN A 27 -0.61 7.00 2.88
N LEU A 28 0.17 5.93 2.92
CA LEU A 28 -0.26 4.65 2.35
C LEU A 28 -0.96 3.80 3.38
N SER A 29 -0.34 3.63 4.54
CA SER A 29 -0.91 2.84 5.61
C SER A 29 -2.35 3.26 5.90
N GLN A 30 -2.58 4.57 5.92
CA GLN A 30 -3.91 5.12 6.17
C GLN A 30 -4.86 4.80 5.03
N HIS A 31 -4.30 4.45 3.88
CA HIS A 31 -5.10 4.12 2.70
C HIS A 31 -5.36 2.62 2.64
N GLN A 32 -4.37 1.82 3.02
CA GLN A 32 -4.49 0.38 2.99
C GLN A 32 -5.66 -0.09 3.86
N LYS A 33 -6.16 0.83 4.69
CA LYS A 33 -7.28 0.51 5.58
C LYS A 33 -8.62 0.81 4.91
N ILE A 34 -8.56 1.57 3.82
CA ILE A 34 -9.78 1.92 3.08
C ILE A 34 -10.37 0.70 2.40
N HIS A 35 -9.54 -0.30 2.13
CA HIS A 35 -10.00 -1.52 1.48
C HIS A 35 -10.78 -2.39 2.45
N THR A 36 -10.49 -2.24 3.74
CA THR A 36 -11.17 -3.01 4.77
C THR A 36 -12.66 -3.11 4.50
N GLY A 37 -13.25 -1.98 4.09
CA GLY A 37 -14.68 -1.97 3.80
C GLY A 37 -15.53 -2.36 5.00
N GLU A 38 -16.08 -1.37 5.68
CA GLU A 38 -16.91 -1.61 6.85
C GLU A 38 -18.36 -1.23 6.58
N LYS A 39 -19.03 -2.02 5.73
CA LYS A 39 -20.42 -1.78 5.39
C LYS A 39 -21.36 -2.34 6.46
N PRO A 40 -22.51 -1.68 6.65
CA PRO A 40 -23.51 -2.10 7.64
C PRO A 40 -24.21 -3.39 7.22
N SER A 41 -25.12 -3.86 8.07
CA SER A 41 -25.85 -5.09 7.81
C SER A 41 -27.04 -4.83 6.89
N GLY A 42 -27.28 -5.75 5.96
CA GLY A 42 -28.38 -5.59 5.02
C GLY A 42 -29.47 -6.62 5.26
N PRO A 43 -29.25 -7.85 4.76
CA PRO A 43 -30.21 -8.94 4.90
C PRO A 43 -30.33 -9.43 6.34
N SER A 44 -29.36 -9.06 7.17
CA SER A 44 -29.35 -9.47 8.57
C SER A 44 -29.61 -8.28 9.48
N SER A 45 -30.26 -8.53 10.61
CA SER A 45 -30.59 -7.48 11.57
C SER A 45 -29.43 -7.26 12.53
N GLY A 46 -28.50 -6.39 12.14
CA GLY A 46 -27.35 -6.10 12.98
C GLY A 46 -27.31 -4.65 13.43
ZN ZN B . -4.91 0.67 -1.99
N GLY A 1 25.86 14.00 6.61
CA GLY A 1 27.11 13.88 5.88
C GLY A 1 26.92 13.29 4.50
N SER A 2 27.93 13.44 3.66
CA SER A 2 27.87 12.93 2.29
C SER A 2 27.91 11.40 2.29
N SER A 3 26.73 10.78 2.29
CA SER A 3 26.64 9.32 2.29
C SER A 3 25.98 8.82 0.99
N GLY A 4 26.62 7.86 0.36
CA GLY A 4 26.09 7.30 -0.88
C GLY A 4 24.67 6.78 -0.71
N SER A 5 23.72 7.41 -1.40
CA SER A 5 22.33 7.02 -1.32
C SER A 5 21.70 6.93 -2.71
N SER A 6 20.46 6.48 -2.77
CA SER A 6 19.75 6.34 -4.04
C SER A 6 20.56 5.50 -5.03
N GLY A 7 21.11 4.40 -4.54
CA GLY A 7 21.90 3.53 -5.39
C GLY A 7 21.06 2.81 -6.43
N THR A 8 20.11 1.98 -5.96
CA THR A 8 19.25 1.23 -6.85
C THR A 8 17.86 1.86 -6.92
N GLY A 9 17.66 2.75 -7.89
CA GLY A 9 16.39 3.41 -8.05
C GLY A 9 15.91 4.06 -6.77
N GLU A 10 14.59 4.10 -6.59
CA GLU A 10 14.01 4.71 -5.39
C GLU A 10 13.03 3.75 -4.72
N LYS A 11 12.62 4.10 -3.50
CA LYS A 11 11.68 3.27 -2.75
C LYS A 11 10.27 3.84 -2.83
N ARG A 12 9.38 3.11 -3.50
CA ARG A 12 7.99 3.53 -3.64
C ARG A 12 7.05 2.55 -2.95
N TYR A 13 6.36 3.03 -1.93
CA TYR A 13 5.42 2.19 -1.18
C TYR A 13 4.19 1.89 -2.02
N LYS A 14 4.14 0.68 -2.57
CA LYS A 14 3.01 0.25 -3.40
C LYS A 14 1.93 -0.40 -2.55
N CYS A 15 0.68 -0.06 -2.83
CA CYS A 15 -0.45 -0.60 -2.09
C CYS A 15 -0.71 -2.06 -2.48
N ASN A 16 -0.63 -2.95 -1.49
CA ASN A 16 -0.84 -4.36 -1.73
C ASN A 16 -2.33 -4.68 -1.80
N GLU A 17 -3.16 -3.64 -1.75
CA GLU A 17 -4.61 -3.82 -1.81
C GLU A 17 -5.12 -3.56 -3.23
N CYS A 18 -4.74 -2.42 -3.80
CA CYS A 18 -5.16 -2.06 -5.15
C CYS A 18 -3.97 -2.02 -6.10
N GLY A 19 -2.90 -1.36 -5.68
CA GLY A 19 -1.71 -1.26 -6.51
C GLY A 19 -1.27 0.18 -6.71
N LYS A 20 -1.71 1.07 -5.83
CA LYS A 20 -1.36 2.48 -5.91
C LYS A 20 0.01 2.73 -5.28
N VAL A 21 0.40 3.99 -5.21
CA VAL A 21 1.69 4.38 -4.63
C VAL A 21 1.59 5.72 -3.92
N PHE A 22 2.50 5.95 -2.98
CA PHE A 22 2.52 7.20 -2.22
C PHE A 22 3.95 7.63 -1.94
N SER A 23 4.11 8.86 -1.46
CA SER A 23 5.43 9.40 -1.15
C SER A 23 5.83 9.07 0.28
N ARG A 24 4.85 9.07 1.18
CA ARG A 24 5.09 8.77 2.58
C ARG A 24 4.25 7.59 3.04
N ASN A 25 4.87 6.69 3.79
CA ASN A 25 4.18 5.50 4.30
C ASN A 25 2.96 5.89 5.11
N SER A 26 3.06 7.02 5.82
CA SER A 26 1.96 7.51 6.65
C SER A 26 0.75 7.85 5.78
N GLN A 27 0.98 8.07 4.50
CA GLN A 27 -0.09 8.40 3.57
C GLN A 27 -0.62 7.16 2.88
N LEU A 28 0.19 6.11 2.86
CA LEU A 28 -0.20 4.85 2.22
C LEU A 28 -0.98 3.98 3.19
N SER A 29 -0.40 3.75 4.37
CA SER A 29 -1.05 2.93 5.39
C SER A 29 -2.49 3.37 5.62
N GLN A 30 -2.70 4.68 5.70
CA GLN A 30 -4.03 5.22 5.92
C GLN A 30 -4.95 4.88 4.76
N HIS A 31 -4.37 4.54 3.62
CA HIS A 31 -5.14 4.19 2.44
C HIS A 31 -5.36 2.68 2.36
N GLN A 32 -4.30 1.92 2.63
CA GLN A 32 -4.38 0.46 2.59
C GLN A 32 -5.51 -0.05 3.49
N LYS A 33 -5.87 0.76 4.48
CA LYS A 33 -6.93 0.39 5.42
C LYS A 33 -8.31 0.57 4.77
N ILE A 34 -8.37 1.41 3.74
CA ILE A 34 -9.62 1.65 3.04
C ILE A 34 -10.18 0.36 2.44
N HIS A 35 -9.30 -0.57 2.12
CA HIS A 35 -9.70 -1.85 1.53
C HIS A 35 -10.07 -2.84 2.64
N THR A 36 -9.40 -2.74 3.78
CA THR A 36 -9.66 -3.64 4.89
C THR A 36 -10.93 -3.22 5.64
N GLY A 37 -12.01 -3.00 4.89
CA GLY A 37 -13.26 -2.59 5.49
C GLY A 37 -14.27 -2.14 4.47
N GLU A 38 -15.26 -2.97 4.19
CA GLU A 38 -16.30 -2.64 3.22
C GLU A 38 -17.67 -3.09 3.72
N LYS A 39 -18.71 -2.73 2.97
CA LYS A 39 -20.08 -3.10 3.33
C LYS A 39 -20.77 -3.83 2.19
N PRO A 40 -21.69 -4.74 2.53
CA PRO A 40 -22.43 -5.52 1.55
C PRO A 40 -23.44 -4.68 0.78
N SER A 41 -24.12 -3.78 1.49
CA SER A 41 -25.11 -2.91 0.86
C SER A 41 -26.03 -3.70 -0.05
N GLY A 42 -26.60 -4.78 0.48
CA GLY A 42 -27.50 -5.61 -0.30
C GLY A 42 -27.12 -7.07 -0.26
N PRO A 43 -28.12 -7.96 -0.45
CA PRO A 43 -27.90 -9.41 -0.43
C PRO A 43 -27.11 -9.89 -1.65
N SER A 44 -25.79 -9.88 -1.53
CA SER A 44 -24.91 -10.31 -2.62
C SER A 44 -25.36 -9.70 -3.94
N SER A 45 -25.68 -8.41 -3.91
CA SER A 45 -26.13 -7.70 -5.11
C SER A 45 -25.04 -7.73 -6.18
N GLY A 46 -25.41 -8.21 -7.37
CA GLY A 46 -24.45 -8.26 -8.46
C GLY A 46 -23.50 -7.09 -8.47
ZN ZN B . -5.03 0.87 -2.11
N GLY A 1 35.23 -5.96 -0.70
CA GLY A 1 34.17 -5.41 -1.53
C GLY A 1 32.93 -5.08 -0.72
N SER A 2 33.11 -4.34 0.36
CA SER A 2 31.99 -3.95 1.22
C SER A 2 31.97 -2.44 1.44
N SER A 3 32.22 -1.70 0.37
CA SER A 3 32.24 -0.23 0.45
C SER A 3 31.83 0.38 -0.89
N GLY A 4 30.73 1.10 -0.89
CA GLY A 4 30.25 1.73 -2.11
C GLY A 4 28.76 2.07 -2.05
N SER A 5 28.46 3.28 -1.61
CA SER A 5 27.08 3.72 -1.50
C SER A 5 26.85 5.01 -2.28
N SER A 6 26.17 4.90 -3.42
CA SER A 6 25.89 6.06 -4.26
C SER A 6 24.64 5.83 -5.09
N GLY A 7 23.78 6.84 -5.16
CA GLY A 7 22.55 6.73 -5.92
C GLY A 7 21.36 6.33 -5.07
N THR A 8 21.25 6.95 -3.89
CA THR A 8 20.16 6.65 -2.97
C THR A 8 18.81 7.05 -3.58
N GLY A 9 17.79 6.25 -3.31
CA GLY A 9 16.46 6.54 -3.83
C GLY A 9 15.35 5.99 -2.95
N GLU A 10 14.51 6.87 -2.43
CA GLU A 10 13.41 6.46 -1.56
C GLU A 10 12.57 5.39 -2.24
N LYS A 11 12.23 4.35 -1.49
CA LYS A 11 11.42 3.26 -2.01
C LYS A 11 9.95 3.67 -2.12
N ARG A 12 9.35 3.39 -3.27
CA ARG A 12 7.95 3.73 -3.51
C ARG A 12 7.02 2.70 -2.85
N TYR A 13 6.29 3.14 -1.83
CA TYR A 13 5.38 2.25 -1.12
C TYR A 13 4.13 1.97 -1.96
N LYS A 14 4.09 0.79 -2.57
CA LYS A 14 2.97 0.39 -3.40
C LYS A 14 1.92 -0.34 -2.57
N CYS A 15 0.65 -0.07 -2.86
CA CYS A 15 -0.45 -0.70 -2.14
C CYS A 15 -0.70 -2.11 -2.66
N ASN A 16 -0.29 -3.10 -1.87
CA ASN A 16 -0.46 -4.50 -2.24
C ASN A 16 -1.93 -4.83 -2.48
N GLU A 17 -2.81 -3.91 -2.06
CA GLU A 17 -4.24 -4.10 -2.23
C GLU A 17 -4.68 -3.77 -3.66
N CYS A 18 -4.61 -2.50 -4.00
CA CYS A 18 -5.00 -2.04 -5.33
C CYS A 18 -3.79 -1.97 -6.26
N GLY A 19 -2.71 -1.36 -5.76
CA GLY A 19 -1.50 -1.24 -6.55
C GLY A 19 -1.02 0.19 -6.65
N LYS A 20 -1.71 1.10 -5.98
CA LYS A 20 -1.35 2.51 -5.98
C LYS A 20 0.01 2.72 -5.32
N VAL A 21 0.41 3.99 -5.19
CA VAL A 21 1.68 4.33 -4.58
C VAL A 21 1.59 5.65 -3.82
N PHE A 22 2.35 5.76 -2.73
CA PHE A 22 2.36 6.97 -1.93
C PHE A 22 3.78 7.34 -1.52
N SER A 23 4.20 8.54 -1.89
CA SER A 23 5.54 9.01 -1.57
C SER A 23 5.87 8.77 -0.11
N ARG A 24 4.88 8.96 0.76
CA ARG A 24 5.06 8.76 2.19
C ARG A 24 4.30 7.52 2.66
N ASN A 25 4.92 6.76 3.56
CA ASN A 25 4.29 5.55 4.09
C ASN A 25 3.12 5.89 5.01
N SER A 26 3.29 6.95 5.80
CA SER A 26 2.25 7.38 6.71
C SER A 26 0.96 7.74 5.97
N GLN A 27 1.09 7.97 4.66
CA GLN A 27 -0.04 8.31 3.83
C GLN A 27 -0.66 7.07 3.19
N LEU A 28 0.19 6.09 2.89
CA LEU A 28 -0.27 4.85 2.28
C LEU A 28 -1.05 4.00 3.29
N SER A 29 -0.51 3.88 4.50
CA SER A 29 -1.15 3.11 5.55
C SER A 29 -2.57 3.59 5.79
N GLN A 30 -2.76 4.90 5.77
CA GLN A 30 -4.08 5.49 5.99
C GLN A 30 -5.03 5.11 4.86
N HIS A 31 -4.47 4.65 3.75
CA HIS A 31 -5.28 4.26 2.59
C HIS A 31 -5.61 2.77 2.64
N GLN A 32 -4.58 1.95 2.83
CA GLN A 32 -4.76 0.50 2.89
C GLN A 32 -5.98 0.14 3.72
N LYS A 33 -6.16 0.83 4.84
CA LYS A 33 -7.30 0.58 5.72
C LYS A 33 -8.61 0.63 4.95
N ILE A 34 -8.70 1.57 4.00
CA ILE A 34 -9.90 1.71 3.18
C ILE A 34 -10.29 0.38 2.55
N HIS A 35 -9.31 -0.49 2.34
CA HIS A 35 -9.55 -1.80 1.74
C HIS A 35 -10.23 -2.74 2.73
N THR A 36 -9.87 -2.59 4.01
CA THR A 36 -10.44 -3.42 5.06
C THR A 36 -11.89 -3.78 4.76
N GLY A 37 -12.29 -5.00 5.14
CA GLY A 37 -13.65 -5.44 4.91
C GLY A 37 -13.70 -6.78 4.20
N GLU A 38 -13.70 -7.85 4.97
CA GLU A 38 -13.76 -9.20 4.42
C GLU A 38 -15.10 -9.86 4.71
N LYS A 39 -16.17 -9.10 4.56
CA LYS A 39 -17.52 -9.60 4.80
C LYS A 39 -17.63 -11.07 4.39
N PRO A 40 -18.45 -11.84 5.13
CA PRO A 40 -18.67 -13.26 4.86
C PRO A 40 -19.45 -13.49 3.57
N SER A 41 -18.98 -14.44 2.77
CA SER A 41 -19.65 -14.75 1.50
C SER A 41 -19.76 -16.26 1.32
N GLY A 42 -20.98 -16.79 1.49
CA GLY A 42 -21.21 -18.20 1.35
C GLY A 42 -22.64 -18.60 1.62
N PRO A 43 -22.92 -19.02 2.86
CA PRO A 43 -24.27 -19.43 3.27
C PRO A 43 -25.23 -18.26 3.35
N SER A 44 -26.53 -18.57 3.44
CA SER A 44 -27.56 -17.54 3.52
C SER A 44 -27.30 -16.59 4.69
N SER A 45 -27.01 -15.33 4.36
CA SER A 45 -26.74 -14.32 5.39
C SER A 45 -27.23 -12.95 4.95
N GLY A 46 -28.29 -12.47 5.59
CA GLY A 46 -28.83 -11.17 5.24
C GLY A 46 -29.91 -11.25 4.18
ZN ZN B . -4.96 0.46 -2.03
N GLY A 1 23.04 -0.76 -19.85
CA GLY A 1 23.57 0.32 -19.04
C GLY A 1 22.58 1.48 -18.93
N SER A 2 23.08 2.70 -19.11
CA SER A 2 22.24 3.88 -19.02
C SER A 2 21.64 4.02 -17.63
N SER A 3 22.45 3.78 -16.60
CA SER A 3 22.00 3.86 -15.23
C SER A 3 23.18 3.82 -14.27
N GLY A 4 22.98 4.36 -13.06
CA GLY A 4 24.04 4.37 -12.07
C GLY A 4 23.76 3.42 -10.92
N SER A 5 24.47 3.62 -9.82
CA SER A 5 24.30 2.77 -8.63
C SER A 5 23.60 3.54 -7.51
N SER A 6 24.03 4.78 -7.30
CA SER A 6 23.45 5.62 -6.26
C SER A 6 22.30 6.45 -6.81
N GLY A 7 21.46 5.82 -7.63
CA GLY A 7 20.33 6.52 -8.21
C GLY A 7 19.17 5.59 -8.51
N THR A 8 19.33 4.77 -9.54
CA THR A 8 18.29 3.83 -9.94
C THR A 8 17.74 3.09 -8.73
N GLY A 9 16.47 3.34 -8.40
CA GLY A 9 15.84 2.69 -7.27
C GLY A 9 15.18 3.67 -6.32
N GLU A 10 13.95 4.06 -6.65
CA GLU A 10 13.21 5.00 -5.82
C GLU A 10 12.21 4.28 -4.94
N LYS A 11 12.45 4.32 -3.63
CA LYS A 11 11.57 3.67 -2.66
C LYS A 11 10.15 4.23 -2.76
N ARG A 12 9.25 3.46 -3.36
CA ARG A 12 7.87 3.87 -3.51
C ARG A 12 6.92 2.83 -2.92
N TYR A 13 6.28 3.17 -1.81
CA TYR A 13 5.34 2.26 -1.16
C TYR A 13 4.11 2.03 -2.02
N LYS A 14 4.06 0.89 -2.70
CA LYS A 14 2.94 0.55 -3.56
C LYS A 14 1.91 -0.28 -2.80
N CYS A 15 0.67 0.19 -2.79
CA CYS A 15 -0.41 -0.49 -2.10
C CYS A 15 -0.59 -1.91 -2.65
N ASN A 16 -0.33 -2.91 -1.82
CA ASN A 16 -0.46 -4.30 -2.22
C ASN A 16 -1.92 -4.75 -2.19
N GLU A 17 -2.82 -3.78 -2.02
CA GLU A 17 -4.24 -4.07 -1.97
C GLU A 17 -4.91 -3.79 -3.32
N CYS A 18 -4.50 -2.68 -3.94
CA CYS A 18 -5.06 -2.30 -5.24
C CYS A 18 -3.94 -2.13 -6.28
N GLY A 19 -2.87 -1.46 -5.88
CA GLY A 19 -1.75 -1.25 -6.78
C GLY A 19 -1.30 0.20 -6.82
N LYS A 20 -1.89 1.02 -5.95
CA LYS A 20 -1.55 2.43 -5.89
C LYS A 20 -0.15 2.62 -5.31
N VAL A 21 0.30 3.88 -5.23
CA VAL A 21 1.61 4.19 -4.69
C VAL A 21 1.60 5.53 -3.97
N PHE A 22 2.52 5.70 -3.01
CA PHE A 22 2.61 6.94 -2.25
C PHE A 22 4.06 7.26 -1.92
N SER A 23 4.30 8.49 -1.47
CA SER A 23 5.65 8.93 -1.13
C SER A 23 5.97 8.58 0.33
N ARG A 24 5.05 8.90 1.22
CA ARG A 24 5.24 8.62 2.64
C ARG A 24 4.33 7.48 3.09
N ASN A 25 4.90 6.55 3.86
CA ASN A 25 4.13 5.41 4.36
C ASN A 25 2.96 5.87 5.21
N SER A 26 3.11 7.02 5.83
CA SER A 26 2.06 7.58 6.69
C SER A 26 0.82 7.95 5.86
N GLN A 27 1.03 8.08 4.55
CA GLN A 27 -0.07 8.44 3.65
C GLN A 27 -0.67 7.18 3.01
N LEU A 28 0.17 6.17 2.81
CA LEU A 28 -0.27 4.92 2.20
C LEU A 28 -1.03 4.06 3.21
N SER A 29 -0.47 3.93 4.40
CA SER A 29 -1.09 3.13 5.46
C SER A 29 -2.54 3.56 5.67
N GLN A 30 -2.77 4.87 5.70
CA GLN A 30 -4.12 5.40 5.90
C GLN A 30 -5.04 5.00 4.73
N HIS A 31 -4.43 4.60 3.63
CA HIS A 31 -5.20 4.20 2.44
C HIS A 31 -5.42 2.69 2.44
N GLN A 32 -4.39 1.94 2.80
CA GLN A 32 -4.48 0.48 2.83
C GLN A 32 -5.60 0.03 3.76
N LYS A 33 -6.03 0.93 4.64
CA LYS A 33 -7.10 0.62 5.58
C LYS A 33 -8.47 0.77 4.93
N ILE A 34 -8.50 1.48 3.80
CA ILE A 34 -9.74 1.69 3.08
C ILE A 34 -10.28 0.39 2.51
N HIS A 35 -9.40 -0.61 2.39
CA HIS A 35 -9.78 -1.91 1.86
C HIS A 35 -10.40 -2.78 2.95
N THR A 36 -10.95 -2.15 3.97
CA THR A 36 -11.57 -2.87 5.08
C THR A 36 -13.08 -2.96 4.90
N GLY A 37 -13.74 -1.80 4.91
CA GLY A 37 -15.19 -1.77 4.75
C GLY A 37 -15.77 -0.41 5.02
N GLU A 38 -15.08 0.63 4.57
CA GLU A 38 -15.54 2.00 4.77
C GLU A 38 -16.41 2.46 3.60
N LYS A 39 -17.28 1.58 3.13
CA LYS A 39 -18.17 1.90 2.01
C LYS A 39 -19.50 1.18 2.15
N PRO A 40 -20.55 1.76 1.56
CA PRO A 40 -21.90 1.19 1.60
C PRO A 40 -22.02 -0.09 0.79
N SER A 41 -22.34 -1.19 1.46
CA SER A 41 -22.47 -2.49 0.80
C SER A 41 -23.18 -2.33 -0.55
N GLY A 42 -22.58 -2.88 -1.60
CA GLY A 42 -23.16 -2.79 -2.92
C GLY A 42 -22.34 -3.52 -3.97
N PRO A 43 -21.40 -2.79 -4.61
CA PRO A 43 -20.53 -3.36 -5.63
C PRO A 43 -19.52 -4.34 -5.07
N SER A 44 -19.79 -5.64 -5.24
CA SER A 44 -18.90 -6.68 -4.74
C SER A 44 -18.02 -7.21 -5.85
N SER A 45 -18.62 -7.45 -7.02
CA SER A 45 -17.89 -7.97 -8.17
C SER A 45 -16.76 -7.02 -8.58
N GLY A 46 -15.63 -7.58 -8.97
CA GLY A 46 -14.50 -6.78 -9.38
C GLY A 46 -13.37 -7.61 -9.94
ZN ZN B . -5.13 0.51 -2.03
N GLY A 1 27.59 -5.56 -0.42
CA GLY A 1 27.44 -6.20 0.87
C GLY A 1 26.13 -6.97 0.97
N SER A 2 26.14 -8.23 0.54
CA SER A 2 24.94 -9.06 0.60
C SER A 2 24.60 -9.43 2.03
N SER A 3 23.96 -8.50 2.74
CA SER A 3 23.57 -8.73 4.13
C SER A 3 22.73 -7.57 4.65
N GLY A 4 21.44 -7.83 4.86
CA GLY A 4 20.55 -6.79 5.36
C GLY A 4 20.01 -5.91 4.26
N SER A 5 20.88 -5.48 3.36
CA SER A 5 20.48 -4.63 2.25
C SER A 5 21.27 -4.96 0.99
N SER A 6 20.61 -5.63 0.05
CA SER A 6 21.25 -6.02 -1.21
C SER A 6 21.66 -4.80 -2.01
N GLY A 7 20.75 -3.83 -2.12
CA GLY A 7 21.03 -2.63 -2.87
C GLY A 7 19.94 -1.59 -2.73
N THR A 8 20.26 -0.47 -2.09
CA THR A 8 19.29 0.61 -1.89
C THR A 8 18.92 1.27 -3.20
N GLY A 9 17.63 1.29 -3.52
CA GLY A 9 17.18 1.90 -4.75
C GLY A 9 16.08 2.94 -4.52
N GLU A 10 14.94 2.71 -5.15
CA GLU A 10 13.80 3.63 -5.01
C GLU A 10 12.95 3.26 -3.80
N LYS A 11 12.29 4.26 -3.21
CA LYS A 11 11.44 4.04 -2.05
C LYS A 11 10.01 4.47 -2.34
N ARG A 12 9.22 3.55 -2.88
CA ARG A 12 7.82 3.83 -3.20
C ARG A 12 6.91 2.72 -2.70
N TYR A 13 6.14 3.03 -1.66
CA TYR A 13 5.23 2.04 -1.08
C TYR A 13 4.05 1.77 -2.01
N LYS A 14 3.96 0.54 -2.49
CA LYS A 14 2.88 0.14 -3.39
C LYS A 14 1.77 -0.59 -2.64
N CYS A 15 0.54 -0.12 -2.81
CA CYS A 15 -0.61 -0.74 -2.15
C CYS A 15 -0.91 -2.11 -2.74
N ASN A 16 -0.45 -3.16 -2.05
CA ASN A 16 -0.68 -4.52 -2.51
C ASN A 16 -2.17 -4.80 -2.70
N GLU A 17 -3.00 -3.90 -2.18
CA GLU A 17 -4.44 -4.04 -2.30
C GLU A 17 -4.92 -3.63 -3.69
N CYS A 18 -4.78 -2.34 -3.99
CA CYS A 18 -5.19 -1.82 -5.29
C CYS A 18 -4.01 -1.75 -6.26
N GLY A 19 -2.85 -1.39 -5.74
CA GLY A 19 -1.66 -1.30 -6.57
C GLY A 19 -1.18 0.13 -6.74
N LYS A 20 -1.72 1.03 -5.93
CA LYS A 20 -1.34 2.44 -6.00
C LYS A 20 0.02 2.67 -5.36
N VAL A 21 0.48 3.92 -5.38
CA VAL A 21 1.77 4.28 -4.80
C VAL A 21 1.70 5.62 -4.08
N PHE A 22 2.49 5.76 -3.03
CA PHE A 22 2.52 7.00 -2.26
C PHE A 22 3.95 7.41 -1.94
N SER A 23 4.13 8.68 -1.58
CA SER A 23 5.46 9.20 -1.27
C SER A 23 5.92 8.72 0.11
N ARG A 24 5.06 8.88 1.11
CA ARG A 24 5.38 8.45 2.46
C ARG A 24 4.44 7.35 2.93
N ASN A 25 4.94 6.46 3.79
CA ASN A 25 4.15 5.36 4.31
C ASN A 25 2.99 5.87 5.14
N SER A 26 3.20 7.00 5.80
CA SER A 26 2.17 7.59 6.65
C SER A 26 0.95 8.01 5.81
N GLN A 27 1.17 8.14 4.51
CA GLN A 27 0.10 8.54 3.60
C GLN A 27 -0.54 7.31 2.96
N LEU A 28 0.18 6.21 2.94
CA LEU A 28 -0.31 4.96 2.35
C LEU A 28 -1.10 4.15 3.38
N SER A 29 -0.56 4.05 4.59
CA SER A 29 -1.21 3.30 5.65
C SER A 29 -2.64 3.79 5.86
N GLN A 30 -2.83 5.10 5.76
CA GLN A 30 -4.15 5.70 5.95
C GLN A 30 -5.07 5.34 4.79
N HIS A 31 -4.50 4.85 3.70
CA HIS A 31 -5.27 4.46 2.53
C HIS A 31 -5.59 2.97 2.56
N GLN A 32 -4.57 2.14 2.77
CA GLN A 32 -4.75 0.70 2.82
C GLN A 32 -5.92 0.33 3.74
N LYS A 33 -6.08 1.09 4.82
CA LYS A 33 -7.15 0.85 5.78
C LYS A 33 -8.48 0.61 5.06
N ILE A 34 -8.66 1.27 3.93
CA ILE A 34 -9.87 1.14 3.15
C ILE A 34 -10.03 -0.28 2.60
N HIS A 35 -8.89 -0.89 2.25
CA HIS A 35 -8.90 -2.26 1.72
C HIS A 35 -8.98 -3.28 2.86
N THR A 36 -8.63 -2.84 4.07
CA THR A 36 -8.65 -3.72 5.24
C THR A 36 -9.78 -3.34 6.19
N GLY A 37 -10.06 -4.20 7.14
CA GLY A 37 -11.11 -3.94 8.11
C GLY A 37 -11.79 -5.20 8.60
N GLU A 38 -12.54 -5.85 7.72
CA GLU A 38 -13.26 -7.07 8.07
C GLU A 38 -12.43 -7.91 9.04
N LYS A 39 -13.11 -8.49 10.04
CA LYS A 39 -12.44 -9.31 11.03
C LYS A 39 -13.15 -10.65 11.20
N PRO A 40 -12.38 -11.71 11.45
CA PRO A 40 -12.91 -13.06 11.63
C PRO A 40 -13.70 -13.20 12.93
N SER A 41 -13.43 -12.32 13.89
CA SER A 41 -14.11 -12.35 15.17
C SER A 41 -15.50 -11.74 15.06
N GLY A 42 -16.25 -12.18 14.05
CA GLY A 42 -17.59 -11.67 13.85
C GLY A 42 -18.65 -12.62 14.37
N PRO A 43 -19.20 -13.46 13.48
CA PRO A 43 -20.23 -14.43 13.83
C PRO A 43 -19.69 -15.56 14.71
N SER A 44 -20.52 -16.57 14.93
CA SER A 44 -20.13 -17.71 15.76
C SER A 44 -18.67 -18.07 15.53
N SER A 45 -17.92 -18.21 16.63
CA SER A 45 -16.51 -18.55 16.55
C SER A 45 -16.31 -20.01 16.17
N GLY A 46 -15.99 -20.25 14.90
CA GLY A 46 -15.79 -21.61 14.43
C GLY A 46 -14.92 -21.67 13.19
ZN ZN B . -5.10 0.82 -2.16
N GLY A 1 22.10 13.37 -5.87
CA GLY A 1 21.39 14.27 -6.75
C GLY A 1 20.08 13.69 -7.25
N SER A 2 19.44 14.39 -8.17
CA SER A 2 18.16 13.94 -8.72
C SER A 2 18.21 13.93 -10.25
N SER A 3 18.08 12.74 -10.83
CA SER A 3 18.11 12.60 -12.28
C SER A 3 17.39 11.33 -12.72
N GLY A 4 16.52 11.46 -13.71
CA GLY A 4 15.78 10.32 -14.21
C GLY A 4 14.44 10.14 -13.51
N SER A 5 14.44 9.47 -12.37
CA SER A 5 13.22 9.23 -11.61
C SER A 5 12.36 10.49 -11.58
N SER A 6 11.07 10.33 -11.86
CA SER A 6 10.14 11.45 -11.86
C SER A 6 8.70 10.96 -11.74
N GLY A 7 8.12 11.13 -10.56
CA GLY A 7 6.75 10.71 -10.33
C GLY A 7 6.31 10.89 -8.90
N THR A 8 6.68 9.94 -8.03
CA THR A 8 6.32 10.00 -6.62
C THR A 8 7.55 10.18 -5.76
N GLY A 9 8.61 9.44 -6.07
CA GLY A 9 9.84 9.53 -5.30
C GLY A 9 10.51 8.18 -5.10
N GLU A 10 11.31 8.07 -4.06
CA GLU A 10 12.02 6.82 -3.76
C GLU A 10 11.22 5.97 -2.79
N LYS A 11 11.68 4.73 -2.58
CA LYS A 11 11.01 3.82 -1.66
C LYS A 11 9.50 4.00 -1.72
N ARG A 12 8.97 4.13 -2.94
CA ARG A 12 7.53 4.31 -3.12
C ARG A 12 6.76 3.09 -2.62
N TYR A 13 6.01 3.27 -1.53
CA TYR A 13 5.24 2.18 -0.95
C TYR A 13 4.00 1.89 -1.80
N LYS A 14 4.01 0.74 -2.46
CA LYS A 14 2.89 0.33 -3.31
C LYS A 14 1.83 -0.41 -2.50
N CYS A 15 0.57 -0.16 -2.82
CA CYS A 15 -0.53 -0.81 -2.12
C CYS A 15 -0.78 -2.21 -2.67
N ASN A 16 -0.40 -3.22 -1.91
CA ASN A 16 -0.57 -4.61 -2.32
C ASN A 16 -2.05 -4.93 -2.50
N GLU A 17 -2.91 -4.01 -2.09
CA GLU A 17 -4.35 -4.20 -2.20
C GLU A 17 -4.84 -3.85 -3.61
N CYS A 18 -4.55 -2.64 -4.04
CA CYS A 18 -4.96 -2.18 -5.37
C CYS A 18 -3.74 -2.04 -6.30
N GLY A 19 -2.71 -1.36 -5.80
CA GLY A 19 -1.51 -1.18 -6.60
C GLY A 19 -1.07 0.28 -6.66
N LYS A 20 -1.74 1.12 -5.88
CA LYS A 20 -1.42 2.55 -5.84
C LYS A 20 -0.05 2.78 -5.22
N VAL A 21 0.38 4.03 -5.19
CA VAL A 21 1.67 4.39 -4.63
C VAL A 21 1.58 5.70 -3.85
N PHE A 22 2.43 5.84 -2.84
CA PHE A 22 2.46 7.05 -2.02
C PHE A 22 3.89 7.44 -1.65
N SER A 23 4.24 8.69 -1.88
CA SER A 23 5.58 9.18 -1.58
C SER A 23 6.05 8.68 -0.21
N ARG A 24 5.16 8.77 0.77
CA ARG A 24 5.48 8.33 2.12
C ARG A 24 4.54 7.21 2.56
N ASN A 25 4.97 6.43 3.54
CA ASN A 25 4.17 5.32 4.06
C ASN A 25 3.06 5.84 4.96
N SER A 26 3.33 6.92 5.68
CA SER A 26 2.35 7.50 6.59
C SER A 26 1.07 7.85 5.83
N GLN A 27 1.18 8.00 4.52
CA GLN A 27 0.02 8.34 3.69
C GLN A 27 -0.61 7.08 3.11
N LEU A 28 0.21 6.07 2.85
CA LEU A 28 -0.27 4.81 2.29
C LEU A 28 -1.04 4.01 3.34
N SER A 29 -0.48 3.93 4.54
CA SER A 29 -1.11 3.19 5.64
C SER A 29 -2.54 3.66 5.84
N GLN A 30 -2.76 4.97 5.75
CA GLN A 30 -4.08 5.55 5.93
C GLN A 30 -5.01 5.15 4.78
N HIS A 31 -4.43 4.63 3.70
CA HIS A 31 -5.20 4.22 2.54
C HIS A 31 -5.54 2.73 2.63
N GLN A 32 -4.53 1.90 2.85
CA GLN A 32 -4.71 0.46 2.96
C GLN A 32 -5.97 0.14 3.75
N LYS A 33 -6.17 0.86 4.86
CA LYS A 33 -7.33 0.64 5.71
C LYS A 33 -8.62 0.67 4.89
N ILE A 34 -8.69 1.57 3.93
CA ILE A 34 -9.87 1.69 3.08
C ILE A 34 -10.21 0.36 2.42
N HIS A 35 -9.20 -0.50 2.29
CA HIS A 35 -9.39 -1.82 1.69
C HIS A 35 -9.87 -2.83 2.72
N THR A 36 -9.47 -2.61 3.98
CA THR A 36 -9.86 -3.51 5.06
C THR A 36 -11.14 -3.05 5.73
N GLY A 37 -12.12 -2.64 4.92
CA GLY A 37 -13.38 -2.18 5.46
C GLY A 37 -13.21 -1.16 6.56
N GLU A 38 -14.32 -0.77 7.19
CA GLU A 38 -14.28 0.20 8.27
C GLU A 38 -15.54 0.10 9.14
N LYS A 39 -15.51 0.77 10.28
CA LYS A 39 -16.64 0.76 11.20
C LYS A 39 -17.31 2.12 11.26
N PRO A 40 -18.24 2.38 10.33
CA PRO A 40 -18.96 3.65 10.25
C PRO A 40 -19.94 3.83 11.41
N SER A 41 -20.65 2.75 11.74
CA SER A 41 -21.62 2.78 12.82
C SER A 41 -21.03 3.42 14.07
N GLY A 42 -21.89 3.77 15.02
CA GLY A 42 -21.44 4.38 16.25
C GLY A 42 -21.87 5.83 16.38
N PRO A 43 -21.00 6.76 15.97
CA PRO A 43 -21.28 8.19 16.03
C PRO A 43 -22.34 8.62 15.02
N SER A 44 -22.79 9.87 15.14
CA SER A 44 -23.82 10.39 14.24
C SER A 44 -23.20 10.84 12.92
N SER A 45 -22.11 11.60 13.00
CA SER A 45 -21.44 12.09 11.82
C SER A 45 -21.43 11.04 10.71
N GLY A 46 -21.04 9.82 11.08
CA GLY A 46 -21.00 8.74 10.10
C GLY A 46 -19.68 8.67 9.37
ZN ZN B . -5.03 0.46 -2.10
N GLY A 1 23.73 -5.68 -16.40
CA GLY A 1 23.77 -4.26 -16.11
C GLY A 1 23.13 -3.43 -17.21
N SER A 2 22.63 -2.26 -16.85
CA SER A 2 21.98 -1.37 -17.80
C SER A 2 22.85 -0.15 -18.08
N SER A 3 24.15 -0.37 -18.23
CA SER A 3 25.08 0.71 -18.50
C SER A 3 24.73 1.95 -17.69
N GLY A 4 24.36 1.75 -16.43
CA GLY A 4 24.00 2.86 -15.57
C GLY A 4 22.94 2.48 -14.55
N SER A 5 21.80 3.17 -14.61
CA SER A 5 20.71 2.90 -13.68
C SER A 5 21.14 3.16 -12.24
N SER A 6 21.89 4.24 -12.03
CA SER A 6 22.37 4.58 -10.70
C SER A 6 21.44 5.59 -10.02
N GLY A 7 21.74 5.93 -8.78
CA GLY A 7 20.92 6.87 -8.05
C GLY A 7 19.50 6.39 -7.85
N THR A 8 19.36 5.16 -7.35
CA THR A 8 18.05 4.57 -7.13
C THR A 8 17.79 4.36 -5.64
N GLY A 9 17.33 5.41 -4.97
CA GLY A 9 17.06 5.31 -3.54
C GLY A 9 15.73 5.93 -3.17
N GLU A 10 14.67 5.54 -3.88
CA GLU A 10 13.34 6.07 -3.62
C GLU A 10 12.35 4.94 -3.34
N LYS A 11 12.27 4.54 -2.07
CA LYS A 11 11.36 3.47 -1.67
C LYS A 11 9.91 3.87 -1.90
N ARG A 12 9.32 3.36 -2.97
CA ARG A 12 7.93 3.67 -3.29
C ARG A 12 6.99 2.63 -2.69
N TYR A 13 6.28 3.03 -1.64
CA TYR A 13 5.34 2.13 -0.97
C TYR A 13 4.09 1.92 -1.83
N LYS A 14 4.01 0.75 -2.46
CA LYS A 14 2.87 0.42 -3.31
C LYS A 14 1.80 -0.32 -2.50
N CYS A 15 0.54 0.00 -2.77
CA CYS A 15 -0.58 -0.63 -2.09
C CYS A 15 -0.81 -2.05 -2.60
N ASN A 16 -0.54 -3.03 -1.73
CA ASN A 16 -0.71 -4.44 -2.10
C ASN A 16 -2.18 -4.75 -2.34
N GLU A 17 -3.06 -3.80 -2.02
CA GLU A 17 -4.49 -3.99 -2.21
C GLU A 17 -4.89 -3.63 -3.64
N CYS A 18 -4.81 -2.35 -3.98
CA CYS A 18 -5.16 -1.88 -5.31
C CYS A 18 -3.93 -1.83 -6.21
N GLY A 19 -2.83 -1.29 -5.68
CA GLY A 19 -1.61 -1.20 -6.46
C GLY A 19 -1.15 0.24 -6.63
N LYS A 20 -1.72 1.15 -5.85
CA LYS A 20 -1.37 2.55 -5.92
C LYS A 20 0.00 2.79 -5.28
N VAL A 21 0.39 4.06 -5.19
CA VAL A 21 1.68 4.43 -4.61
C VAL A 21 1.58 5.74 -3.84
N PHE A 22 2.46 5.91 -2.87
CA PHE A 22 2.47 7.12 -2.05
C PHE A 22 3.90 7.50 -1.67
N SER A 23 4.26 8.76 -1.92
CA SER A 23 5.59 9.25 -1.61
C SER A 23 6.04 8.77 -0.24
N ARG A 24 5.14 8.85 0.73
CA ARG A 24 5.44 8.43 2.09
C ARG A 24 4.54 7.26 2.51
N ASN A 25 4.92 6.58 3.59
CA ASN A 25 4.15 5.45 4.08
C ASN A 25 3.01 5.91 4.97
N SER A 26 3.27 6.94 5.77
CA SER A 26 2.25 7.48 6.67
C SER A 26 0.98 7.84 5.89
N GLN A 27 1.12 8.01 4.58
CA GLN A 27 -0.01 8.36 3.73
C GLN A 27 -0.65 7.11 3.13
N LEU A 28 0.18 6.08 2.90
CA LEU A 28 -0.30 4.83 2.34
C LEU A 28 -1.07 4.02 3.37
N SER A 29 -0.51 3.91 4.57
CA SER A 29 -1.13 3.16 5.65
C SER A 29 -2.59 3.62 5.84
N GLN A 30 -2.80 4.93 5.81
CA GLN A 30 -4.14 5.49 5.99
C GLN A 30 -5.01 5.21 4.77
N HIS A 31 -4.38 4.74 3.69
CA HIS A 31 -5.10 4.44 2.46
C HIS A 31 -5.50 2.97 2.41
N GLN A 32 -4.58 2.10 2.80
CA GLN A 32 -4.83 0.66 2.79
C GLN A 32 -6.04 0.32 3.68
N LYS A 33 -6.19 1.06 4.76
CA LYS A 33 -7.30 0.84 5.68
C LYS A 33 -8.62 0.71 4.92
N ILE A 34 -8.64 1.21 3.69
CA ILE A 34 -9.84 1.15 2.87
C ILE A 34 -10.13 -0.29 2.44
N HIS A 35 -9.08 -1.03 2.12
CA HIS A 35 -9.22 -2.41 1.69
C HIS A 35 -9.27 -3.35 2.89
N THR A 36 -8.56 -2.98 3.95
CA THR A 36 -8.52 -3.79 5.16
C THR A 36 -9.44 -3.21 6.24
N GLY A 37 -10.70 -3.63 6.22
CA GLY A 37 -11.66 -3.14 7.19
C GLY A 37 -12.00 -4.19 8.24
N GLU A 38 -13.11 -3.98 8.93
CA GLU A 38 -13.55 -4.91 9.97
C GLU A 38 -15.04 -5.20 9.84
N LYS A 39 -15.45 -6.38 10.29
CA LYS A 39 -16.85 -6.78 10.23
C LYS A 39 -17.41 -7.00 11.63
N PRO A 40 -18.66 -6.57 11.84
CA PRO A 40 -19.34 -6.72 13.13
C PRO A 40 -19.69 -8.16 13.45
N SER A 41 -20.27 -8.39 14.63
CA SER A 41 -20.65 -9.73 15.05
C SER A 41 -21.55 -10.39 14.02
N GLY A 42 -22.71 -9.78 13.77
CA GLY A 42 -23.64 -10.32 12.81
C GLY A 42 -25.08 -9.93 13.10
N PRO A 43 -25.58 -10.34 14.27
CA PRO A 43 -26.95 -10.03 14.69
C PRO A 43 -27.13 -8.55 15.03
N SER A 44 -26.04 -7.81 15.03
CA SER A 44 -26.07 -6.38 15.33
C SER A 44 -27.36 -5.75 14.79
N SER A 45 -27.90 -4.80 15.55
CA SER A 45 -29.13 -4.12 15.16
C SER A 45 -29.15 -3.84 13.66
N GLY A 46 -28.16 -3.07 13.20
CA GLY A 46 -28.07 -2.74 11.79
C GLY A 46 -28.60 -1.36 11.49
ZN ZN B . -5.21 0.71 -2.10
N GLY A 1 20.42 -17.96 -23.60
CA GLY A 1 19.98 -16.58 -23.51
C GLY A 1 19.86 -16.10 -22.08
N SER A 2 20.40 -14.91 -21.81
CA SER A 2 20.36 -14.34 -20.47
C SER A 2 19.92 -12.88 -20.51
N SER A 3 18.98 -12.52 -19.65
CA SER A 3 18.47 -11.16 -19.59
C SER A 3 19.14 -10.37 -18.47
N GLY A 4 18.86 -9.08 -18.41
CA GLY A 4 19.45 -8.24 -17.38
C GLY A 4 18.40 -7.57 -16.51
N SER A 5 18.09 -8.20 -15.38
CA SER A 5 17.10 -7.66 -14.46
C SER A 5 17.76 -6.75 -13.42
N SER A 6 17.99 -5.50 -13.80
CA SER A 6 18.61 -4.53 -12.90
C SER A 6 17.93 -3.17 -13.02
N GLY A 7 17.73 -2.52 -11.88
CA GLY A 7 17.10 -1.21 -11.87
C GLY A 7 16.51 -0.86 -10.52
N THR A 8 17.34 -0.32 -9.64
CA THR A 8 16.90 0.05 -8.30
C THR A 8 15.56 0.81 -8.35
N GLY A 9 14.68 0.50 -7.42
CA GLY A 9 13.38 1.15 -7.37
C GLY A 9 13.46 2.56 -6.82
N GLU A 10 12.31 3.17 -6.59
CA GLU A 10 12.25 4.53 -6.05
C GLU A 10 11.61 4.54 -4.66
N LYS A 11 11.93 3.53 -3.86
CA LYS A 11 11.39 3.43 -2.50
C LYS A 11 9.93 3.88 -2.48
N ARG A 12 9.15 3.42 -3.45
CA ARG A 12 7.74 3.78 -3.53
C ARG A 12 6.87 2.68 -2.91
N TYR A 13 6.10 3.06 -1.90
CA TYR A 13 5.22 2.12 -1.21
C TYR A 13 3.98 1.81 -2.05
N LYS A 14 3.99 0.64 -2.69
CA LYS A 14 2.87 0.23 -3.52
C LYS A 14 1.79 -0.46 -2.69
N CYS A 15 0.54 -0.08 -2.92
CA CYS A 15 -0.58 -0.66 -2.19
C CYS A 15 -0.88 -2.07 -2.67
N ASN A 16 -0.34 -3.06 -1.96
CA ASN A 16 -0.55 -4.46 -2.32
C ASN A 16 -2.04 -4.77 -2.50
N GLU A 17 -2.88 -3.89 -1.96
CA GLU A 17 -4.33 -4.06 -2.06
C GLU A 17 -4.81 -3.79 -3.48
N CYS A 18 -4.63 -2.55 -3.93
CA CYS A 18 -5.05 -2.17 -5.28
C CYS A 18 -3.84 -1.99 -6.19
N GLY A 19 -2.79 -1.36 -5.67
CA GLY A 19 -1.60 -1.14 -6.45
C GLY A 19 -1.17 0.32 -6.46
N LYS A 20 -1.89 1.14 -5.72
CA LYS A 20 -1.58 2.57 -5.63
C LYS A 20 -0.15 2.79 -5.14
N VAL A 21 0.22 4.06 -4.98
CA VAL A 21 1.55 4.40 -4.49
C VAL A 21 1.54 5.72 -3.74
N PHE A 22 2.49 5.88 -2.82
CA PHE A 22 2.59 7.10 -2.02
C PHE A 22 4.03 7.39 -1.64
N SER A 23 4.41 8.66 -1.66
CA SER A 23 5.77 9.07 -1.33
C SER A 23 6.14 8.59 0.08
N ARG A 24 5.23 8.78 1.02
CA ARG A 24 5.47 8.37 2.40
C ARG A 24 4.53 7.24 2.80
N ASN A 25 4.90 6.53 3.86
CA ASN A 25 4.08 5.41 4.34
C ASN A 25 2.91 5.92 5.17
N SER A 26 3.15 6.99 5.93
CA SER A 26 2.11 7.57 6.78
C SER A 26 0.90 7.98 5.94
N GLN A 27 1.10 8.11 4.63
CA GLN A 27 0.02 8.50 3.73
C GLN A 27 -0.62 7.28 3.09
N LEU A 28 0.19 6.24 2.86
CA LEU A 28 -0.29 5.01 2.25
C LEU A 28 -1.08 4.18 3.26
N SER A 29 -0.56 4.07 4.47
CA SER A 29 -1.22 3.31 5.53
C SER A 29 -2.68 3.72 5.66
N GLN A 30 -2.91 5.03 5.70
CA GLN A 30 -4.27 5.55 5.83
C GLN A 30 -5.13 5.18 4.62
N HIS A 31 -4.46 4.76 3.55
CA HIS A 31 -5.16 4.36 2.34
C HIS A 31 -5.42 2.86 2.33
N GLN A 32 -4.42 2.08 2.71
CA GLN A 32 -4.53 0.63 2.74
C GLN A 32 -5.65 0.20 3.68
N LYS A 33 -6.04 1.09 4.59
CA LYS A 33 -7.10 0.79 5.54
C LYS A 33 -8.46 0.78 4.86
N ILE A 34 -8.50 1.30 3.63
CA ILE A 34 -9.75 1.33 2.87
C ILE A 34 -10.15 -0.06 2.41
N HIS A 35 -9.18 -0.95 2.30
CA HIS A 35 -9.44 -2.32 1.88
C HIS A 35 -9.67 -3.23 3.09
N THR A 36 -9.85 -2.62 4.26
CA THR A 36 -10.07 -3.37 5.48
C THR A 36 -11.20 -2.74 6.31
N GLY A 37 -12.32 -3.45 6.41
CA GLY A 37 -13.45 -2.95 7.18
C GLY A 37 -13.33 -3.26 8.65
N GLU A 38 -14.47 -3.47 9.30
CA GLU A 38 -14.49 -3.77 10.73
C GLU A 38 -14.21 -5.25 10.98
N LYS A 39 -13.24 -5.79 10.24
CA LYS A 39 -12.87 -7.20 10.38
C LYS A 39 -11.36 -7.34 10.57
N PRO A 40 -10.90 -7.13 11.82
CA PRO A 40 -9.48 -7.24 12.17
C PRO A 40 -8.98 -8.68 12.11
N SER A 41 -9.87 -9.60 11.74
CA SER A 41 -9.51 -11.01 11.65
C SER A 41 -9.92 -11.59 10.29
N GLY A 42 -9.67 -10.82 9.23
CA GLY A 42 -10.02 -11.27 7.90
C GLY A 42 -9.13 -12.42 7.43
N PRO A 43 -8.07 -12.06 6.68
CA PRO A 43 -7.12 -13.05 6.15
C PRO A 43 -6.27 -13.69 7.24
N SER A 44 -6.83 -14.69 7.91
CA SER A 44 -6.13 -15.38 8.98
C SER A 44 -4.65 -15.54 8.65
N SER A 45 -4.37 -16.04 7.45
CA SER A 45 -2.99 -16.24 7.01
C SER A 45 -2.72 -15.48 5.71
N GLY A 46 -2.32 -14.22 5.84
CA GLY A 46 -2.03 -13.41 4.67
C GLY A 46 -2.12 -11.92 4.96
ZN ZN B . -5.26 0.57 -2.08
N GLY A 1 16.55 -10.38 -24.43
CA GLY A 1 16.15 -11.29 -23.38
C GLY A 1 15.61 -10.56 -22.15
N SER A 2 15.03 -11.31 -21.22
CA SER A 2 14.48 -10.74 -20.00
C SER A 2 15.40 -10.98 -18.82
N SER A 3 15.77 -9.91 -18.12
CA SER A 3 16.64 -10.01 -16.96
C SER A 3 16.06 -9.26 -15.77
N GLY A 4 16.46 -9.67 -14.56
CA GLY A 4 15.97 -9.02 -13.37
C GLY A 4 16.71 -7.73 -13.06
N SER A 5 16.23 -6.62 -13.60
CA SER A 5 16.87 -5.33 -13.38
C SER A 5 15.96 -4.42 -12.55
N SER A 6 16.08 -4.51 -11.23
CA SER A 6 15.28 -3.69 -10.33
C SER A 6 15.57 -2.20 -10.53
N GLY A 7 14.55 -1.38 -10.35
CA GLY A 7 14.72 0.06 -10.52
C GLY A 7 15.14 0.73 -9.23
N THR A 8 16.45 0.91 -9.05
CA THR A 8 16.99 1.54 -7.86
C THR A 8 16.60 3.02 -7.81
N GLY A 9 16.06 3.45 -6.66
CA GLY A 9 15.65 4.83 -6.51
C GLY A 9 14.96 5.08 -5.18
N GLU A 10 13.90 5.89 -5.21
CA GLU A 10 13.15 6.21 -4.01
C GLU A 10 12.10 5.14 -3.73
N LYS A 11 12.14 4.58 -2.52
CA LYS A 11 11.19 3.55 -2.12
C LYS A 11 9.76 3.99 -2.41
N ARG A 12 9.07 3.25 -3.27
CA ARG A 12 7.71 3.56 -3.63
C ARG A 12 6.74 2.56 -3.00
N TYR A 13 6.20 2.94 -1.84
CA TYR A 13 5.26 2.07 -1.13
C TYR A 13 4.01 1.81 -1.97
N LYS A 14 4.00 0.66 -2.65
CA LYS A 14 2.86 0.29 -3.48
C LYS A 14 1.79 -0.43 -2.67
N CYS A 15 0.54 -0.07 -2.91
CA CYS A 15 -0.58 -0.69 -2.21
C CYS A 15 -0.89 -2.07 -2.76
N ASN A 16 -0.29 -3.09 -2.16
CA ASN A 16 -0.50 -4.47 -2.60
C ASN A 16 -1.99 -4.78 -2.71
N GLU A 17 -2.81 -3.95 -2.09
CA GLU A 17 -4.26 -4.15 -2.12
C GLU A 17 -4.82 -3.79 -3.49
N CYS A 18 -4.59 -2.54 -3.91
CA CYS A 18 -5.07 -2.07 -5.20
C CYS A 18 -3.93 -1.96 -6.21
N GLY A 19 -2.80 -1.42 -5.75
CA GLY A 19 -1.65 -1.27 -6.62
C GLY A 19 -1.19 0.17 -6.72
N LYS A 20 -1.81 1.05 -5.94
CA LYS A 20 -1.46 2.47 -5.95
C LYS A 20 -0.06 2.69 -5.38
N VAL A 21 0.33 3.94 -5.26
CA VAL A 21 1.65 4.28 -4.71
C VAL A 21 1.60 5.62 -3.98
N PHE A 22 2.52 5.79 -3.03
CA PHE A 22 2.58 7.02 -2.25
C PHE A 22 4.04 7.40 -1.95
N SER A 23 4.23 8.60 -1.42
CA SER A 23 5.56 9.08 -1.09
C SER A 23 5.95 8.69 0.33
N ARG A 24 5.04 8.92 1.27
CA ARG A 24 5.29 8.60 2.68
C ARG A 24 4.39 7.46 3.13
N ASN A 25 4.95 6.54 3.89
CA ASN A 25 4.22 5.39 4.40
C ASN A 25 3.02 5.84 5.24
N SER A 26 3.18 6.96 5.93
CA SER A 26 2.13 7.50 6.77
C SER A 26 0.92 7.92 5.94
N GLN A 27 1.15 8.11 4.64
CA GLN A 27 0.08 8.51 3.73
C GLN A 27 -0.56 7.29 3.09
N LEU A 28 0.22 6.24 2.91
CA LEU A 28 -0.28 5.01 2.30
C LEU A 28 -1.11 4.20 3.31
N SER A 29 -0.59 4.07 4.52
CA SER A 29 -1.28 3.33 5.56
C SER A 29 -2.71 3.81 5.72
N GLN A 30 -2.89 5.12 5.75
CA GLN A 30 -4.21 5.72 5.90
C GLN A 30 -5.10 5.37 4.72
N HIS A 31 -4.48 4.89 3.64
CA HIS A 31 -5.22 4.52 2.44
C HIS A 31 -5.56 3.03 2.44
N GLN A 32 -4.54 2.20 2.67
CA GLN A 32 -4.73 0.76 2.71
C GLN A 32 -5.89 0.38 3.64
N LYS A 33 -6.05 1.16 4.70
CA LYS A 33 -7.12 0.90 5.66
C LYS A 33 -8.46 0.72 4.96
N ILE A 34 -8.60 1.34 3.80
CA ILE A 34 -9.83 1.25 3.03
C ILE A 34 -10.09 -0.18 2.58
N HIS A 35 -9.02 -0.93 2.36
CA HIS A 35 -9.13 -2.33 1.93
C HIS A 35 -9.30 -3.25 3.13
N THR A 36 -8.86 -2.79 4.30
CA THR A 36 -8.97 -3.57 5.52
C THR A 36 -10.24 -3.22 6.29
N GLY A 37 -11.18 -4.16 6.32
CA GLY A 37 -12.44 -3.93 7.02
C GLY A 37 -12.37 -4.37 8.47
N GLU A 38 -12.26 -3.40 9.37
CA GLU A 38 -12.18 -3.69 10.80
C GLU A 38 -13.37 -3.07 11.54
N LYS A 39 -14.52 -3.71 11.43
CA LYS A 39 -15.73 -3.23 12.09
C LYS A 39 -16.44 -4.37 12.83
N PRO A 40 -17.20 -4.00 13.87
CA PRO A 40 -17.94 -4.98 14.68
C PRO A 40 -19.11 -5.61 13.91
N SER A 41 -19.53 -6.78 14.35
CA SER A 41 -20.64 -7.49 13.71
C SER A 41 -21.68 -6.50 13.19
N GLY A 42 -22.18 -5.65 14.09
CA GLY A 42 -23.18 -4.67 13.70
C GLY A 42 -23.34 -3.58 14.74
N PRO A 43 -23.63 -2.36 14.27
CA PRO A 43 -23.81 -1.20 15.15
C PRO A 43 -25.09 -1.29 15.98
N SER A 44 -26.20 -1.65 15.32
CA SER A 44 -27.48 -1.78 16.00
C SER A 44 -27.31 -2.37 17.39
N SER A 45 -28.11 -1.87 18.34
CA SER A 45 -28.04 -2.35 19.72
C SER A 45 -29.35 -3.03 20.11
N GLY A 46 -30.46 -2.38 19.79
CA GLY A 46 -31.77 -2.94 20.13
C GLY A 46 -32.15 -4.10 19.24
ZN ZN B . -5.24 0.61 -1.93
N GLY A 1 28.13 -16.82 -8.05
CA GLY A 1 28.56 -15.72 -7.21
C GLY A 1 27.51 -14.66 -7.04
N SER A 2 27.94 -13.44 -6.71
CA SER A 2 27.02 -12.33 -6.51
C SER A 2 26.61 -11.73 -7.84
N SER A 3 25.51 -10.98 -7.83
CA SER A 3 25.00 -10.34 -9.05
C SER A 3 25.44 -8.88 -9.12
N GLY A 4 25.21 -8.15 -8.03
CA GLY A 4 25.58 -6.75 -7.99
C GLY A 4 24.69 -5.94 -7.07
N SER A 5 24.92 -4.63 -7.02
CA SER A 5 24.14 -3.74 -6.18
C SER A 5 23.08 -3.01 -7.00
N SER A 6 21.88 -2.88 -6.43
CA SER A 6 20.78 -2.21 -7.10
C SER A 6 20.16 -1.14 -6.20
N GLY A 7 20.58 0.11 -6.40
CA GLY A 7 20.06 1.20 -5.60
C GLY A 7 18.64 1.56 -5.98
N THR A 8 17.95 2.29 -5.09
CA THR A 8 16.58 2.70 -5.34
C THR A 8 16.34 4.12 -4.83
N GLY A 9 15.73 4.94 -5.68
CA GLY A 9 15.45 6.32 -5.32
C GLY A 9 14.43 6.42 -4.20
N GLU A 10 13.42 7.26 -4.41
CA GLU A 10 12.37 7.45 -3.41
C GLU A 10 11.71 6.13 -3.07
N LYS A 11 11.29 5.99 -1.81
CA LYS A 11 10.63 4.77 -1.36
C LYS A 11 9.12 4.87 -1.53
N ARG A 12 8.65 4.57 -2.74
CA ARG A 12 7.23 4.63 -3.05
C ARG A 12 6.53 3.34 -2.62
N TYR A 13 5.85 3.39 -1.48
CA TYR A 13 5.15 2.22 -0.95
C TYR A 13 3.95 1.88 -1.83
N LYS A 14 4.05 0.73 -2.52
CA LYS A 14 2.98 0.28 -3.39
C LYS A 14 1.92 -0.49 -2.60
N CYS A 15 0.66 -0.14 -2.82
CA CYS A 15 -0.45 -0.80 -2.13
C CYS A 15 -0.62 -2.23 -2.64
N ASN A 16 -0.49 -3.19 -1.72
CA ASN A 16 -0.63 -4.60 -2.07
C ASN A 16 -2.10 -4.98 -2.19
N GLU A 17 -2.97 -3.97 -2.16
CA GLU A 17 -4.40 -4.21 -2.27
C GLU A 17 -4.92 -3.81 -3.65
N CYS A 18 -4.66 -2.56 -4.03
CA CYS A 18 -5.10 -2.05 -5.33
C CYS A 18 -3.92 -1.94 -6.30
N GLY A 19 -2.82 -1.35 -5.83
CA GLY A 19 -1.65 -1.20 -6.66
C GLY A 19 -1.20 0.24 -6.78
N LYS A 20 -1.71 1.10 -5.89
CA LYS A 20 -1.36 2.51 -5.90
C LYS A 20 -0.01 2.73 -5.24
N VAL A 21 0.41 4.00 -5.18
CA VAL A 21 1.69 4.36 -4.58
C VAL A 21 1.59 5.65 -3.80
N PHE A 22 2.49 5.83 -2.84
CA PHE A 22 2.50 7.04 -2.01
C PHE A 22 3.93 7.42 -1.63
N SER A 23 4.27 8.69 -1.81
CA SER A 23 5.60 9.18 -1.48
C SER A 23 6.12 8.53 -0.21
N ARG A 24 5.27 8.47 0.82
CA ARG A 24 5.65 7.87 2.09
C ARG A 24 4.60 6.86 2.55
N ASN A 25 4.96 6.03 3.52
CA ASN A 25 4.06 5.02 4.04
C ASN A 25 2.98 5.66 4.92
N SER A 26 3.41 6.57 5.80
CA SER A 26 2.49 7.25 6.70
C SER A 26 1.24 7.71 5.95
N GLN A 27 1.39 7.93 4.65
CA GLN A 27 0.26 8.38 3.82
C GLN A 27 -0.46 7.18 3.19
N LEU A 28 0.29 6.12 2.94
CA LEU A 28 -0.26 4.91 2.34
C LEU A 28 -1.15 4.16 3.33
N SER A 29 -0.66 4.04 4.56
CA SER A 29 -1.40 3.34 5.61
C SER A 29 -2.83 3.87 5.71
N GLN A 30 -2.95 5.20 5.67
CA GLN A 30 -4.26 5.85 5.77
C GLN A 30 -5.13 5.47 4.58
N HIS A 31 -4.50 4.96 3.52
CA HIS A 31 -5.23 4.56 2.32
C HIS A 31 -5.58 3.07 2.36
N GLN A 32 -4.58 2.24 2.65
CA GLN A 32 -4.78 0.80 2.72
C GLN A 32 -5.94 0.46 3.65
N LYS A 33 -6.11 1.26 4.70
CA LYS A 33 -7.18 1.03 5.66
C LYS A 33 -8.51 0.80 4.95
N ILE A 34 -8.64 1.35 3.74
CA ILE A 34 -9.85 1.18 2.96
C ILE A 34 -10.09 -0.27 2.58
N HIS A 35 -9.00 -0.98 2.28
CA HIS A 35 -9.08 -2.38 1.90
C HIS A 35 -9.20 -3.27 3.14
N THR A 36 -8.64 -2.80 4.25
CA THR A 36 -8.68 -3.56 5.50
C THR A 36 -10.05 -3.46 6.16
N GLY A 37 -10.80 -4.54 6.10
CA GLY A 37 -12.13 -4.56 6.69
C GLY A 37 -12.44 -5.86 7.39
N GLU A 38 -12.96 -6.83 6.63
CA GLU A 38 -13.30 -8.14 7.19
C GLU A 38 -12.04 -8.90 7.60
N LYS A 39 -11.87 -9.07 8.91
CA LYS A 39 -10.71 -9.78 9.44
C LYS A 39 -11.12 -10.77 10.53
N PRO A 40 -10.43 -11.92 10.58
CA PRO A 40 -10.72 -12.97 11.56
C PRO A 40 -10.32 -12.55 12.98
N SER A 41 -9.77 -11.35 13.10
CA SER A 41 -9.35 -10.84 14.39
C SER A 41 -10.46 -10.01 15.05
N GLY A 42 -10.28 -9.70 16.33
CA GLY A 42 -11.27 -8.92 17.05
C GLY A 42 -10.66 -8.04 18.11
N PRO A 43 -10.36 -8.62 19.28
CA PRO A 43 -9.76 -7.90 20.41
C PRO A 43 -8.32 -7.49 20.12
N SER A 44 -7.96 -6.27 20.54
CA SER A 44 -6.62 -5.77 20.33
C SER A 44 -6.32 -4.60 21.28
N SER A 45 -5.03 -4.31 21.47
CA SER A 45 -4.62 -3.23 22.35
C SER A 45 -5.57 -2.05 22.23
N GLY A 46 -5.87 -1.65 21.00
CA GLY A 46 -6.76 -0.52 20.78
C GLY A 46 -8.10 -0.71 21.46
ZN ZN B . -5.08 0.54 -2.02
N GLY A 1 32.08 -5.82 -1.60
CA GLY A 1 32.37 -6.55 -0.39
C GLY A 1 31.16 -7.28 0.17
N SER A 2 30.68 -6.82 1.32
CA SER A 2 29.53 -7.43 1.97
C SER A 2 28.41 -7.68 0.95
N SER A 3 27.62 -8.72 1.20
CA SER A 3 26.52 -9.07 0.31
C SER A 3 25.19 -8.55 0.85
N GLY A 4 24.43 -7.87 -0.01
CA GLY A 4 23.15 -7.33 0.41
C GLY A 4 22.34 -6.81 -0.77
N SER A 5 21.05 -6.61 -0.55
CA SER A 5 20.15 -6.11 -1.59
C SER A 5 19.56 -4.76 -1.20
N SER A 6 20.29 -3.70 -1.50
CA SER A 6 19.84 -2.34 -1.18
C SER A 6 19.09 -1.73 -2.36
N GLY A 7 17.98 -1.06 -2.07
CA GLY A 7 17.20 -0.44 -3.11
C GLY A 7 17.76 0.90 -3.54
N THR A 8 17.45 1.31 -4.77
CA THR A 8 17.93 2.58 -5.29
C THR A 8 16.85 3.29 -6.11
N GLY A 9 16.82 4.62 -6.03
CA GLY A 9 15.83 5.38 -6.77
C GLY A 9 14.87 6.12 -5.85
N GLU A 10 13.69 5.55 -5.68
CA GLU A 10 12.66 6.16 -4.82
C GLU A 10 12.04 5.13 -3.90
N LYS A 11 11.50 5.59 -2.78
CA LYS A 11 10.86 4.71 -1.81
C LYS A 11 9.34 4.77 -1.92
N ARG A 12 8.84 4.65 -3.14
CA ARG A 12 7.40 4.70 -3.37
C ARG A 12 6.72 3.43 -2.87
N TYR A 13 5.95 3.56 -1.80
CA TYR A 13 5.25 2.41 -1.22
C TYR A 13 4.02 2.04 -2.06
N LYS A 14 4.06 0.87 -2.66
CA LYS A 14 2.96 0.39 -3.49
C LYS A 14 1.92 -0.33 -2.64
N CYS A 15 0.64 -0.08 -2.93
CA CYS A 15 -0.45 -0.71 -2.20
C CYS A 15 -0.64 -2.15 -2.64
N ASN A 16 -0.44 -3.09 -1.71
CA ASN A 16 -0.59 -4.51 -2.01
C ASN A 16 -2.07 -4.88 -2.14
N GLU A 17 -2.95 -3.90 -1.92
CA GLU A 17 -4.38 -4.13 -2.01
C GLU A 17 -4.88 -3.89 -3.43
N CYS A 18 -4.58 -2.71 -3.96
CA CYS A 18 -4.98 -2.35 -5.32
C CYS A 18 -3.77 -2.18 -6.22
N GLY A 19 -2.78 -1.44 -5.75
CA GLY A 19 -1.58 -1.21 -6.53
C GLY A 19 -1.12 0.23 -6.48
N LYS A 20 -1.91 1.08 -5.82
CA LYS A 20 -1.57 2.50 -5.70
C LYS A 20 -0.13 2.69 -5.25
N VAL A 21 0.27 3.94 -5.10
CA VAL A 21 1.63 4.26 -4.67
C VAL A 21 1.67 5.57 -3.89
N PHE A 22 2.55 5.64 -2.90
CA PHE A 22 2.68 6.83 -2.08
C PHE A 22 4.13 7.05 -1.67
N SER A 23 4.58 8.30 -1.72
CA SER A 23 5.96 8.64 -1.36
C SER A 23 6.13 8.63 0.16
N ARG A 24 5.01 8.68 0.87
CA ARG A 24 5.05 8.68 2.34
C ARG A 24 4.29 7.49 2.90
N ASN A 25 5.00 6.61 3.59
CA ASN A 25 4.40 5.42 4.19
C ASN A 25 3.20 5.80 5.05
N SER A 26 3.34 6.89 5.80
CA SER A 26 2.27 7.35 6.68
C SER A 26 1.02 7.72 5.88
N GLN A 27 1.20 7.89 4.57
CA GLN A 27 0.09 8.25 3.69
C GLN A 27 -0.54 6.99 3.08
N LEU A 28 0.29 5.99 2.82
CA LEU A 28 -0.20 4.74 2.24
C LEU A 28 -0.99 3.93 3.25
N SER A 29 -0.46 3.83 4.47
CA SER A 29 -1.12 3.08 5.53
C SER A 29 -2.56 3.58 5.73
N GLN A 30 -2.74 4.90 5.68
CA GLN A 30 -4.06 5.49 5.85
C GLN A 30 -4.97 5.12 4.69
N HIS A 31 -4.39 4.60 3.63
CA HIS A 31 -5.16 4.20 2.45
C HIS A 31 -5.54 2.71 2.53
N GLN A 32 -4.54 1.88 2.80
CA GLN A 32 -4.77 0.44 2.90
C GLN A 32 -6.02 0.14 3.71
N LYS A 33 -6.21 0.89 4.79
CA LYS A 33 -7.37 0.70 5.65
C LYS A 33 -8.67 0.76 4.85
N ILE A 34 -8.68 1.62 3.84
CA ILE A 34 -9.86 1.77 2.98
C ILE A 34 -10.24 0.45 2.33
N HIS A 35 -9.27 -0.46 2.24
CA HIS A 35 -9.50 -1.77 1.64
C HIS A 35 -10.05 -2.75 2.67
N THR A 36 -9.61 -2.61 3.91
CA THR A 36 -10.05 -3.48 4.99
C THR A 36 -11.36 -2.99 5.61
N GLY A 37 -11.63 -1.69 5.44
CA GLY A 37 -12.84 -1.12 5.98
C GLY A 37 -12.76 -0.88 7.48
N GLU A 38 -12.45 0.36 7.86
CA GLU A 38 -12.34 0.71 9.28
C GLU A 38 -13.26 1.88 9.62
N LYS A 39 -14.47 1.86 9.05
CA LYS A 39 -15.44 2.92 9.30
C LYS A 39 -16.20 2.66 10.59
N PRO A 40 -16.65 3.74 11.25
CA PRO A 40 -17.41 3.65 12.50
C PRO A 40 -18.81 3.07 12.30
N SER A 41 -19.01 1.84 12.77
CA SER A 41 -20.30 1.18 12.64
C SER A 41 -21.27 1.65 13.70
N GLY A 42 -22.50 1.94 13.29
CA GLY A 42 -23.51 2.40 14.22
C GLY A 42 -24.90 1.94 13.85
N PRO A 43 -25.90 2.35 14.65
CA PRO A 43 -27.31 1.98 14.42
C PRO A 43 -27.89 2.64 13.18
N SER A 44 -27.18 3.64 12.67
CA SER A 44 -27.63 4.37 11.49
C SER A 44 -27.59 3.48 10.25
N SER A 45 -28.38 3.84 9.25
CA SER A 45 -28.44 3.07 8.01
C SER A 45 -27.06 2.53 7.63
N GLY A 46 -27.04 1.33 7.05
CA GLY A 46 -25.78 0.73 6.65
C GLY A 46 -25.33 -0.35 7.61
ZN ZN B . -5.11 0.44 -2.21
N GLY A 1 16.44 -4.89 -15.12
CA GLY A 1 16.41 -3.55 -14.56
C GLY A 1 17.68 -3.20 -13.82
N SER A 2 17.54 -2.78 -12.57
CA SER A 2 18.69 -2.41 -11.74
C SER A 2 19.34 -3.65 -11.14
N SER A 3 19.50 -4.68 -11.94
CA SER A 3 20.10 -5.94 -11.48
C SER A 3 19.58 -6.30 -10.09
N GLY A 4 18.29 -6.11 -9.88
CA GLY A 4 17.69 -6.44 -8.60
C GLY A 4 17.56 -5.22 -7.70
N SER A 5 18.67 -4.78 -7.11
CA SER A 5 18.67 -3.63 -6.22
C SER A 5 19.12 -2.38 -6.97
N SER A 6 18.39 -1.28 -6.75
CA SER A 6 18.72 -0.02 -7.40
C SER A 6 19.46 0.91 -6.45
N GLY A 7 18.93 1.06 -5.24
CA GLY A 7 19.56 1.92 -4.26
C GLY A 7 18.56 2.72 -3.45
N THR A 8 19.05 3.50 -2.49
CA THR A 8 18.18 4.31 -1.64
C THR A 8 17.54 5.43 -2.45
N GLY A 9 16.25 5.65 -2.22
CA GLY A 9 15.53 6.70 -2.92
C GLY A 9 14.35 6.16 -3.72
N GLU A 10 14.55 5.01 -4.35
CA GLU A 10 13.49 4.38 -5.15
C GLU A 10 12.57 3.56 -4.27
N LYS A 11 12.17 4.12 -3.14
CA LYS A 11 11.29 3.44 -2.22
C LYS A 11 9.84 3.88 -2.41
N ARG A 12 9.14 3.22 -3.32
CA ARG A 12 7.74 3.55 -3.60
C ARG A 12 6.80 2.54 -2.94
N TYR A 13 6.24 2.93 -1.81
CA TYR A 13 5.33 2.07 -1.08
C TYR A 13 4.05 1.82 -1.88
N LYS A 14 4.03 0.71 -2.61
CA LYS A 14 2.87 0.35 -3.43
C LYS A 14 1.82 -0.36 -2.59
N CYS A 15 0.55 -0.05 -2.84
CA CYS A 15 -0.55 -0.67 -2.11
C CYS A 15 -0.83 -2.07 -2.63
N ASN A 16 -0.28 -3.07 -1.93
CA ASN A 16 -0.48 -4.46 -2.33
C ASN A 16 -1.96 -4.79 -2.50
N GLU A 17 -2.81 -3.92 -1.97
CA GLU A 17 -4.25 -4.11 -2.07
C GLU A 17 -4.75 -3.80 -3.48
N CYS A 18 -4.51 -2.58 -3.92
CA CYS A 18 -4.93 -2.16 -5.26
C CYS A 18 -3.73 -1.98 -6.18
N GLY A 19 -2.66 -1.39 -5.65
CA GLY A 19 -1.46 -1.18 -6.43
C GLY A 19 -1.05 0.28 -6.50
N LYS A 20 -1.79 1.13 -5.78
CA LYS A 20 -1.51 2.56 -5.75
C LYS A 20 -0.11 2.82 -5.20
N VAL A 21 0.23 4.10 -5.05
CA VAL A 21 1.54 4.49 -4.52
C VAL A 21 1.45 5.78 -3.72
N PHE A 22 2.37 5.94 -2.77
CA PHE A 22 2.39 7.14 -1.93
C PHE A 22 3.83 7.50 -1.56
N SER A 23 4.20 8.74 -1.83
CA SER A 23 5.54 9.22 -1.52
C SER A 23 5.97 8.79 -0.14
N ARG A 24 5.05 8.90 0.82
CA ARG A 24 5.34 8.52 2.20
C ARG A 24 4.43 7.38 2.65
N ASN A 25 4.91 6.57 3.59
CA ASN A 25 4.14 5.45 4.10
C ASN A 25 3.00 5.94 5.00
N SER A 26 3.27 6.97 5.78
CA SER A 26 2.26 7.52 6.69
C SER A 26 0.98 7.84 5.94
N GLN A 27 1.09 8.05 4.63
CA GLN A 27 -0.07 8.36 3.80
C GLN A 27 -0.66 7.09 3.20
N LEU A 28 0.20 6.12 2.92
CA LEU A 28 -0.24 4.85 2.35
C LEU A 28 -1.02 4.03 3.36
N SER A 29 -0.51 3.96 4.58
CA SER A 29 -1.15 3.20 5.65
C SER A 29 -2.60 3.66 5.83
N GLN A 30 -2.81 4.96 5.75
CA GLN A 30 -4.14 5.53 5.92
C GLN A 30 -5.05 5.13 4.76
N HIS A 31 -4.44 4.66 3.68
CA HIS A 31 -5.20 4.24 2.50
C HIS A 31 -5.51 2.76 2.55
N GLN A 32 -4.47 1.95 2.77
CA GLN A 32 -4.63 0.50 2.84
C GLN A 32 -5.88 0.12 3.64
N LYS A 33 -6.11 0.84 4.74
CA LYS A 33 -7.27 0.58 5.58
C LYS A 33 -8.56 0.61 4.76
N ILE A 34 -8.63 1.53 3.81
CA ILE A 34 -9.81 1.66 2.96
C ILE A 34 -10.17 0.31 2.33
N HIS A 35 -9.18 -0.56 2.20
CA HIS A 35 -9.39 -1.88 1.62
C HIS A 35 -9.84 -2.88 2.68
N THR A 36 -9.35 -2.70 3.90
CA THR A 36 -9.68 -3.58 5.00
C THR A 36 -11.08 -3.27 5.55
N GLY A 37 -12.06 -4.08 5.15
CA GLY A 37 -13.42 -3.87 5.61
C GLY A 37 -14.15 -5.18 5.86
N GLU A 38 -15.33 -5.09 6.45
CA GLU A 38 -16.13 -6.27 6.76
C GLU A 38 -17.03 -6.63 5.57
N LYS A 39 -16.54 -6.38 4.37
CA LYS A 39 -17.29 -6.68 3.15
C LYS A 39 -16.37 -6.94 1.98
N PRO A 40 -16.76 -7.88 1.11
CA PRO A 40 -15.97 -8.24 -0.08
C PRO A 40 -15.95 -7.14 -1.12
N SER A 41 -15.09 -6.14 -0.92
CA SER A 41 -14.97 -5.02 -1.84
C SER A 41 -14.17 -5.41 -3.08
N GLY A 42 -12.89 -5.73 -2.86
CA GLY A 42 -12.04 -6.13 -3.96
C GLY A 42 -11.74 -4.98 -4.91
N PRO A 43 -10.49 -4.90 -5.38
CA PRO A 43 -10.05 -3.84 -6.30
C PRO A 43 -10.68 -3.99 -7.69
N SER A 44 -10.57 -5.18 -8.25
CA SER A 44 -11.12 -5.45 -9.57
C SER A 44 -10.97 -4.24 -10.49
N SER A 45 -9.81 -3.60 -10.41
CA SER A 45 -9.53 -2.41 -11.23
C SER A 45 -8.98 -2.82 -12.59
N GLY A 46 -7.95 -3.65 -12.58
CA GLY A 46 -7.34 -4.09 -13.82
C GLY A 46 -6.12 -3.27 -14.19
ZN ZN B . -5.03 0.61 -2.07
N GLY A 1 29.03 -11.46 -17.93
CA GLY A 1 28.28 -11.57 -16.70
C GLY A 1 27.96 -10.21 -16.10
N SER A 2 26.89 -10.14 -15.32
CA SER A 2 26.47 -8.89 -14.69
C SER A 2 26.84 -8.88 -13.21
N SER A 3 27.68 -7.93 -12.82
CA SER A 3 28.11 -7.82 -11.43
C SER A 3 27.91 -6.39 -10.92
N GLY A 4 27.59 -6.26 -9.64
CA GLY A 4 27.38 -4.95 -9.05
C GLY A 4 26.08 -4.85 -8.30
N SER A 5 25.95 -3.82 -7.46
CA SER A 5 24.74 -3.62 -6.68
C SER A 5 24.34 -2.15 -6.66
N SER A 6 23.03 -1.90 -6.74
CA SER A 6 22.51 -0.54 -6.75
C SER A 6 21.97 -0.16 -5.38
N GLY A 7 21.89 1.15 -5.11
CA GLY A 7 21.39 1.61 -3.83
C GLY A 7 19.87 1.71 -3.82
N THR A 8 19.34 2.52 -2.90
CA THR A 8 17.90 2.69 -2.77
C THR A 8 17.36 3.56 -3.90
N GLY A 9 16.33 3.06 -4.60
CA GLY A 9 15.74 3.80 -5.69
C GLY A 9 14.64 4.72 -5.23
N GLU A 10 13.70 5.03 -6.12
CA GLU A 10 12.59 5.92 -5.79
C GLU A 10 11.84 5.41 -4.57
N LYS A 11 11.85 6.20 -3.50
CA LYS A 11 11.17 5.84 -2.27
C LYS A 11 9.66 5.99 -2.42
N ARG A 12 9.02 4.98 -3.01
CA ARG A 12 7.58 5.01 -3.22
C ARG A 12 6.96 3.66 -2.87
N TYR A 13 6.05 3.66 -1.91
CA TYR A 13 5.38 2.43 -1.49
C TYR A 13 4.32 2.02 -2.50
N LYS A 14 3.81 0.79 -2.35
CA LYS A 14 2.79 0.27 -3.23
C LYS A 14 1.69 -0.44 -2.45
N CYS A 15 0.44 -0.06 -2.70
CA CYS A 15 -0.70 -0.65 -2.02
C CYS A 15 -0.94 -2.08 -2.50
N ASN A 16 -0.47 -3.06 -1.73
CA ASN A 16 -0.62 -4.46 -2.09
C ASN A 16 -2.09 -4.80 -2.33
N GLU A 17 -2.98 -3.90 -1.90
CA GLU A 17 -4.41 -4.10 -2.07
C GLU A 17 -4.84 -3.80 -3.50
N CYS A 18 -4.71 -2.55 -3.89
CA CYS A 18 -5.09 -2.12 -5.24
C CYS A 18 -3.85 -1.98 -6.13
N GLY A 19 -2.81 -1.36 -5.60
CA GLY A 19 -1.58 -1.17 -6.36
C GLY A 19 -1.10 0.27 -6.32
N LYS A 20 -1.92 1.16 -5.78
CA LYS A 20 -1.57 2.57 -5.68
C LYS A 20 -0.17 2.74 -5.10
N VAL A 21 0.27 4.00 -4.99
CA VAL A 21 1.59 4.29 -4.46
C VAL A 21 1.57 5.56 -3.61
N PHE A 22 2.53 5.69 -2.71
CA PHE A 22 2.62 6.85 -1.83
C PHE A 22 4.06 7.13 -1.44
N SER A 23 4.55 8.32 -1.77
CA SER A 23 5.91 8.71 -1.45
C SER A 23 6.30 8.26 -0.04
N ARG A 24 5.36 8.41 0.89
CA ARG A 24 5.60 8.03 2.28
C ARG A 24 4.63 6.94 2.71
N ASN A 25 4.99 6.20 3.75
CA ASN A 25 4.16 5.12 4.26
C ASN A 25 2.98 5.69 5.06
N SER A 26 3.21 6.82 5.70
CA SER A 26 2.16 7.46 6.51
C SER A 26 0.97 7.86 5.64
N GLN A 27 1.22 8.00 4.34
CA GLN A 27 0.18 8.39 3.40
C GLN A 27 -0.44 7.15 2.74
N LEU A 28 0.27 6.02 2.82
CA LEU A 28 -0.20 4.78 2.24
C LEU A 28 -1.06 4.00 3.23
N SER A 29 -0.56 3.87 4.46
CA SER A 29 -1.29 3.15 5.50
C SER A 29 -2.71 3.67 5.65
N GLN A 30 -2.84 4.99 5.73
CA GLN A 30 -4.14 5.63 5.88
C GLN A 30 -5.04 5.31 4.70
N HIS A 31 -4.44 4.81 3.62
CA HIS A 31 -5.18 4.46 2.42
C HIS A 31 -5.55 2.98 2.42
N GLN A 32 -4.55 2.13 2.64
CA GLN A 32 -4.77 0.69 2.67
C GLN A 32 -5.97 0.33 3.53
N LYS A 33 -6.16 1.09 4.61
CA LYS A 33 -7.28 0.85 5.52
C LYS A 33 -8.59 0.68 4.75
N ILE A 34 -8.71 1.40 3.64
CA ILE A 34 -9.90 1.33 2.81
C ILE A 34 -10.22 -0.12 2.42
N HIS A 35 -9.17 -0.91 2.21
CA HIS A 35 -9.33 -2.31 1.84
C HIS A 35 -9.49 -3.19 3.09
N THR A 36 -8.82 -2.80 4.16
CA THR A 36 -8.88 -3.55 5.42
C THR A 36 -10.29 -3.52 5.99
N GLY A 37 -10.88 -2.33 6.03
CA GLY A 37 -12.23 -2.19 6.57
C GLY A 37 -12.43 -2.99 7.84
N GLU A 38 -13.70 -3.16 8.22
CA GLU A 38 -14.03 -3.92 9.44
C GLU A 38 -13.78 -5.40 9.23
N LYS A 39 -13.68 -6.15 10.32
CA LYS A 39 -13.45 -7.58 10.26
C LYS A 39 -14.42 -8.32 11.17
N PRO A 40 -14.86 -9.51 10.71
CA PRO A 40 -15.80 -10.35 11.47
C PRO A 40 -15.17 -10.95 12.73
N SER A 41 -16.00 -11.29 13.70
CA SER A 41 -15.52 -11.86 14.95
C SER A 41 -14.64 -13.07 14.69
N GLY A 42 -15.04 -13.89 13.72
CA GLY A 42 -14.26 -15.08 13.39
C GLY A 42 -15.04 -16.04 12.52
N PRO A 43 -14.62 -17.32 12.53
CA PRO A 43 -15.27 -18.37 11.73
C PRO A 43 -16.65 -18.72 12.25
N SER A 44 -17.53 -19.16 11.35
CA SER A 44 -18.89 -19.52 11.72
C SER A 44 -19.05 -21.04 11.77
N SER A 45 -20.22 -21.49 12.23
CA SER A 45 -20.49 -22.91 12.34
C SER A 45 -21.95 -23.15 12.73
N GLY A 46 -22.45 -24.34 12.42
CA GLY A 46 -23.83 -24.67 12.75
C GLY A 46 -24.46 -25.62 11.75
ZN ZN B . -5.40 0.65 -2.04
N GLY A 1 15.63 -14.42 -2.20
CA GLY A 1 16.33 -14.78 -3.42
C GLY A 1 17.21 -13.66 -3.94
N SER A 2 17.46 -13.67 -5.25
CA SER A 2 18.31 -12.66 -5.86
C SER A 2 17.87 -11.25 -5.43
N SER A 3 18.85 -10.46 -4.97
CA SER A 3 18.57 -9.11 -4.51
C SER A 3 18.83 -8.10 -5.63
N GLY A 4 17.79 -7.34 -5.99
CA GLY A 4 17.93 -6.35 -7.04
C GLY A 4 18.41 -5.01 -6.52
N SER A 5 19.73 -4.87 -6.40
CA SER A 5 20.31 -3.62 -5.91
C SER A 5 21.43 -3.14 -6.83
N SER A 6 21.07 -2.26 -7.76
CA SER A 6 22.03 -1.72 -8.72
C SER A 6 22.10 -0.20 -8.63
N GLY A 7 22.85 0.30 -7.66
CA GLY A 7 22.98 1.74 -7.49
C GLY A 7 21.64 2.44 -7.48
N THR A 8 21.33 3.16 -8.56
CA THR A 8 20.07 3.88 -8.66
C THR A 8 18.92 3.07 -8.10
N GLY A 9 18.15 3.67 -7.19
CA GLY A 9 17.03 2.98 -6.60
C GLY A 9 16.28 3.86 -5.60
N GLU A 10 14.95 3.86 -5.71
CA GLU A 10 14.12 4.66 -4.83
C GLU A 10 13.31 3.76 -3.89
N LYS A 11 12.56 4.38 -2.99
CA LYS A 11 11.74 3.65 -2.04
C LYS A 11 10.28 4.09 -2.12
N ARG A 12 9.51 3.44 -2.99
CA ARG A 12 8.11 3.76 -3.16
C ARG A 12 7.22 2.66 -2.59
N TYR A 13 6.29 3.05 -1.72
CA TYR A 13 5.37 2.10 -1.10
C TYR A 13 4.16 1.86 -2.00
N LYS A 14 4.12 0.70 -2.65
CA LYS A 14 3.02 0.34 -3.52
C LYS A 14 1.98 -0.49 -2.78
N CYS A 15 0.72 -0.07 -2.88
CA CYS A 15 -0.37 -0.79 -2.22
C CYS A 15 -0.54 -2.19 -2.79
N ASN A 16 -0.35 -3.20 -1.95
CA ASN A 16 -0.48 -4.59 -2.38
C ASN A 16 -1.95 -4.99 -2.44
N GLU A 17 -2.84 -4.03 -2.25
CA GLU A 17 -4.28 -4.29 -2.29
C GLU A 17 -4.87 -3.85 -3.62
N CYS A 18 -4.59 -2.63 -4.02
CA CYS A 18 -5.10 -2.08 -5.28
C CYS A 18 -3.97 -1.94 -6.31
N GLY A 19 -2.87 -1.34 -5.88
CA GLY A 19 -1.75 -1.15 -6.77
C GLY A 19 -1.34 0.31 -6.90
N LYS A 20 -1.69 1.10 -5.90
CA LYS A 20 -1.36 2.53 -5.90
C LYS A 20 0.00 2.76 -5.27
N VAL A 21 0.42 4.03 -5.24
CA VAL A 21 1.71 4.40 -4.66
C VAL A 21 1.61 5.70 -3.88
N PHE A 22 2.50 5.88 -2.92
CA PHE A 22 2.51 7.09 -2.10
C PHE A 22 3.95 7.53 -1.81
N SER A 23 4.13 8.84 -1.64
CA SER A 23 5.45 9.39 -1.36
C SER A 23 5.91 9.01 0.04
N ARG A 24 4.96 8.89 0.96
CA ARG A 24 5.26 8.54 2.34
C ARG A 24 4.36 7.41 2.82
N ASN A 25 4.91 6.52 3.64
CA ASN A 25 4.16 5.39 4.18
C ASN A 25 2.98 5.87 5.01
N SER A 26 3.19 6.96 5.75
CA SER A 26 2.14 7.52 6.60
C SER A 26 0.90 7.87 5.77
N GLN A 27 1.10 8.00 4.46
CA GLN A 27 0.00 8.33 3.55
C GLN A 27 -0.62 7.06 2.97
N LEU A 28 0.18 6.02 2.86
CA LEU A 28 -0.29 4.74 2.31
C LEU A 28 -1.08 3.96 3.36
N SER A 29 -0.52 3.86 4.56
CA SER A 29 -1.16 3.13 5.65
C SER A 29 -2.59 3.64 5.87
N GLN A 30 -2.76 4.95 5.80
CA GLN A 30 -4.07 5.57 5.99
C GLN A 30 -4.99 5.25 4.81
N HIS A 31 -4.41 4.74 3.73
CA HIS A 31 -5.19 4.40 2.54
C HIS A 31 -5.59 2.92 2.56
N GLN A 32 -4.61 2.04 2.76
CA GLN A 32 -4.89 0.60 2.80
C GLN A 32 -6.05 0.30 3.74
N LYS A 33 -6.19 1.11 4.79
CA LYS A 33 -7.26 0.92 5.75
C LYS A 33 -8.62 0.79 5.05
N ILE A 34 -8.77 1.52 3.96
CA ILE A 34 -10.02 1.50 3.20
C ILE A 34 -10.32 0.09 2.69
N HIS A 35 -9.27 -0.71 2.52
CA HIS A 35 -9.42 -2.08 2.04
C HIS A 35 -9.98 -2.98 3.14
N THR A 36 -9.61 -2.69 4.39
CA THR A 36 -10.08 -3.47 5.53
C THR A 36 -11.48 -3.99 5.29
N GLY A 37 -11.67 -5.29 5.52
CA GLY A 37 -12.98 -5.90 5.34
C GLY A 37 -13.38 -6.76 6.52
N GLU A 38 -13.23 -6.22 7.73
CA GLU A 38 -13.59 -6.95 8.93
C GLU A 38 -13.46 -6.05 10.17
N LYS A 39 -14.60 -5.75 10.78
CA LYS A 39 -14.64 -4.91 11.97
C LYS A 39 -16.03 -4.88 12.59
N PRO A 40 -16.09 -4.68 13.90
CA PRO A 40 -17.36 -4.63 14.65
C PRO A 40 -18.16 -3.37 14.33
N SER A 41 -19.32 -3.56 13.71
CA SER A 41 -20.19 -2.44 13.35
C SER A 41 -20.24 -1.41 14.47
N GLY A 42 -19.53 -0.30 14.28
CA GLY A 42 -19.50 0.75 15.28
C GLY A 42 -20.77 1.58 15.26
N PRO A 43 -21.15 2.10 16.44
CA PRO A 43 -22.35 2.93 16.59
C PRO A 43 -22.19 4.29 15.93
N SER A 44 -22.78 4.44 14.75
CA SER A 44 -22.71 5.71 14.02
C SER A 44 -24.09 6.34 13.86
N SER A 45 -24.12 7.64 13.69
CA SER A 45 -25.38 8.37 13.53
C SER A 45 -25.83 8.38 12.07
N GLY A 46 -25.01 8.96 11.21
CA GLY A 46 -25.34 9.02 9.80
C GLY A 46 -24.13 8.80 8.91
ZN ZN B . -4.88 0.46 -1.86
N GLY A 1 17.42 -11.06 -18.58
CA GLY A 1 18.71 -10.61 -18.10
C GLY A 1 18.75 -10.47 -16.59
N SER A 2 19.59 -9.56 -16.10
CA SER A 2 19.72 -9.33 -14.67
C SER A 2 20.13 -7.88 -14.38
N SER A 3 19.22 -7.13 -13.79
CA SER A 3 19.48 -5.73 -13.46
C SER A 3 20.34 -5.61 -12.21
N GLY A 4 19.93 -6.33 -11.16
CA GLY A 4 20.66 -6.29 -9.91
C GLY A 4 19.99 -5.43 -8.86
N SER A 5 20.51 -5.47 -7.63
CA SER A 5 19.95 -4.69 -6.54
C SER A 5 20.82 -4.80 -5.29
N SER A 6 21.23 -3.65 -4.76
CA SER A 6 22.07 -3.62 -3.57
C SER A 6 21.22 -3.53 -2.31
N GLY A 7 20.23 -2.64 -2.33
CA GLY A 7 19.35 -2.48 -1.18
C GLY A 7 17.96 -2.03 -1.58
N THR A 8 17.60 -0.81 -1.20
CA THR A 8 16.29 -0.27 -1.52
C THR A 8 16.39 1.15 -2.08
N GLY A 9 16.50 1.25 -3.40
CA GLY A 9 16.61 2.55 -4.04
C GLY A 9 15.32 3.35 -3.96
N GLU A 10 14.40 3.05 -4.86
CA GLU A 10 13.11 3.74 -4.90
C GLU A 10 12.51 3.83 -3.51
N LYS A 11 11.61 4.79 -3.32
CA LYS A 11 10.95 4.99 -2.03
C LYS A 11 9.45 5.20 -2.21
N ARG A 12 8.85 4.41 -3.09
CA ARG A 12 7.42 4.50 -3.35
C ARG A 12 6.69 3.27 -2.83
N TYR A 13 6.01 3.42 -1.69
CA TYR A 13 5.28 2.32 -1.09
C TYR A 13 4.07 1.94 -1.94
N LYS A 14 4.12 0.77 -2.54
CA LYS A 14 3.03 0.29 -3.38
C LYS A 14 1.96 -0.40 -2.54
N CYS A 15 0.70 -0.17 -2.88
CA CYS A 15 -0.41 -0.77 -2.16
C CYS A 15 -0.69 -2.18 -2.66
N ASN A 16 -0.38 -3.18 -1.82
CA ASN A 16 -0.59 -4.57 -2.17
C ASN A 16 -2.08 -4.87 -2.36
N GLU A 17 -2.91 -3.94 -1.92
CA GLU A 17 -4.37 -4.10 -2.05
C GLU A 17 -4.82 -3.83 -3.47
N CYS A 18 -4.70 -2.58 -3.90
CA CYS A 18 -5.10 -2.18 -5.24
C CYS A 18 -3.88 -2.03 -6.16
N GLY A 19 -2.82 -1.44 -5.62
CA GLY A 19 -1.61 -1.25 -6.40
C GLY A 19 -1.19 0.20 -6.45
N LYS A 20 -1.86 1.04 -5.68
CA LYS A 20 -1.55 2.47 -5.64
C LYS A 20 -0.14 2.70 -5.12
N VAL A 21 0.24 3.97 -4.98
CA VAL A 21 1.56 4.33 -4.49
C VAL A 21 1.54 5.66 -3.74
N PHE A 22 2.40 5.78 -2.73
CA PHE A 22 2.47 6.99 -1.93
C PHE A 22 3.90 7.27 -1.49
N SER A 23 4.45 8.40 -1.94
CA SER A 23 5.81 8.77 -1.59
C SER A 23 6.10 8.49 -0.11
N ARG A 24 5.11 8.77 0.73
CA ARG A 24 5.25 8.54 2.16
C ARG A 24 4.38 7.38 2.63
N ASN A 25 4.94 6.52 3.48
CA ASN A 25 4.21 5.37 3.99
C ASN A 25 3.07 5.81 4.90
N SER A 26 3.35 6.77 5.77
CA SER A 26 2.35 7.28 6.70
C SER A 26 1.08 7.68 5.97
N GLN A 27 1.21 7.99 4.69
CA GLN A 27 0.07 8.39 3.86
C GLN A 27 -0.59 7.18 3.23
N LEU A 28 0.21 6.15 2.95
CA LEU A 28 -0.30 4.94 2.33
C LEU A 28 -1.07 4.10 3.34
N SER A 29 -0.52 3.97 4.54
CA SER A 29 -1.15 3.19 5.59
C SER A 29 -2.61 3.58 5.75
N GLN A 30 -2.88 4.89 5.74
CA GLN A 30 -4.23 5.40 5.90
C GLN A 30 -5.09 5.01 4.69
N HIS A 31 -4.43 4.67 3.58
CA HIS A 31 -5.14 4.28 2.37
C HIS A 31 -5.33 2.77 2.32
N GLN A 32 -4.35 2.03 2.85
CA GLN A 32 -4.41 0.57 2.85
C GLN A 32 -5.58 0.08 3.70
N LYS A 33 -6.04 0.93 4.62
CA LYS A 33 -7.15 0.58 5.49
C LYS A 33 -8.48 0.78 4.78
N ILE A 34 -8.45 1.46 3.64
CA ILE A 34 -9.66 1.71 2.85
C ILE A 34 -10.20 0.43 2.26
N HIS A 35 -9.33 -0.57 2.10
CA HIS A 35 -9.73 -1.86 1.54
C HIS A 35 -10.28 -2.77 2.63
N THR A 36 -9.72 -2.67 3.83
CA THR A 36 -10.15 -3.49 4.94
C THR A 36 -11.42 -2.94 5.58
N GLY A 37 -11.47 -1.62 5.75
CA GLY A 37 -12.64 -0.99 6.34
C GLY A 37 -13.18 -1.77 7.53
N GLU A 38 -14.42 -1.48 7.91
CA GLU A 38 -15.05 -2.15 9.03
C GLU A 38 -16.53 -2.40 8.76
N LYS A 39 -17.17 -3.15 9.64
CA LYS A 39 -18.58 -3.46 9.50
C LYS A 39 -19.21 -3.83 10.85
N PRO A 40 -20.47 -3.44 11.05
CA PRO A 40 -21.20 -3.72 12.29
C PRO A 40 -21.53 -5.20 12.44
N SER A 41 -21.54 -5.68 13.68
CA SER A 41 -21.83 -7.07 13.97
C SER A 41 -23.33 -7.26 14.22
N GLY A 42 -23.71 -8.50 14.53
CA GLY A 42 -25.11 -8.80 14.78
C GLY A 42 -26.01 -8.42 13.62
N PRO A 43 -25.69 -8.93 12.42
CA PRO A 43 -26.47 -8.65 11.20
C PRO A 43 -27.84 -9.30 11.23
N SER A 44 -27.89 -10.56 11.63
CA SER A 44 -29.14 -11.30 11.70
C SER A 44 -30.07 -10.91 10.55
N SER A 45 -29.52 -10.86 9.34
CA SER A 45 -30.28 -10.49 8.16
C SER A 45 -30.82 -9.08 8.29
N GLY A 46 -29.99 -8.17 8.78
CA GLY A 46 -30.40 -6.78 8.95
C GLY A 46 -30.51 -6.06 7.62
ZN ZN B . -4.88 0.63 -2.19
N GLY A 1 18.74 -13.14 -19.94
CA GLY A 1 19.21 -12.10 -19.06
C GLY A 1 18.31 -11.94 -17.85
N SER A 2 18.30 -12.94 -16.98
CA SER A 2 17.47 -12.90 -15.77
C SER A 2 18.25 -12.29 -14.60
N SER A 3 19.56 -12.19 -14.76
CA SER A 3 20.41 -11.62 -13.71
C SER A 3 20.09 -10.16 -13.48
N GLY A 4 19.80 -9.81 -12.23
CA GLY A 4 19.48 -8.44 -11.90
C GLY A 4 19.17 -8.25 -10.42
N SER A 5 20.04 -7.54 -9.72
CA SER A 5 19.86 -7.29 -8.30
C SER A 5 19.01 -6.05 -8.06
N SER A 6 18.33 -6.01 -6.93
CA SER A 6 17.48 -4.88 -6.59
C SER A 6 18.20 -3.92 -5.65
N GLY A 7 19.48 -3.69 -5.93
CA GLY A 7 20.27 -2.79 -5.10
C GLY A 7 19.67 -1.39 -5.03
N THR A 8 20.36 -0.42 -5.63
CA THR A 8 19.89 0.95 -5.62
C THR A 8 18.67 1.12 -6.52
N GLY A 9 17.60 1.68 -5.96
CA GLY A 9 16.39 1.90 -6.72
C GLY A 9 15.54 3.02 -6.17
N GLU A 10 14.32 2.69 -5.75
CA GLU A 10 13.40 3.68 -5.20
C GLU A 10 12.40 3.03 -4.26
N LYS A 11 12.44 3.44 -2.99
CA LYS A 11 11.52 2.89 -1.99
C LYS A 11 10.12 3.46 -2.17
N ARG A 12 9.34 2.85 -3.05
CA ARG A 12 7.98 3.29 -3.31
C ARG A 12 6.97 2.31 -2.72
N TYR A 13 6.27 2.74 -1.68
CA TYR A 13 5.28 1.91 -1.01
C TYR A 13 4.06 1.70 -1.92
N LYS A 14 4.00 0.55 -2.56
CA LYS A 14 2.89 0.23 -3.46
C LYS A 14 1.79 -0.52 -2.71
N CYS A 15 0.57 -0.02 -2.81
CA CYS A 15 -0.57 -0.65 -2.14
C CYS A 15 -0.82 -2.05 -2.69
N ASN A 16 -0.32 -3.06 -1.98
CA ASN A 16 -0.49 -4.44 -2.40
C ASN A 16 -1.97 -4.77 -2.61
N GLU A 17 -2.84 -3.92 -2.08
CA GLU A 17 -4.27 -4.12 -2.19
C GLU A 17 -4.76 -3.76 -3.60
N CYS A 18 -4.69 -2.48 -3.93
CA CYS A 18 -5.11 -2.00 -5.25
C CYS A 18 -3.92 -1.87 -6.19
N GLY A 19 -2.83 -1.28 -5.71
CA GLY A 19 -1.65 -1.11 -6.52
C GLY A 19 -1.23 0.34 -6.64
N LYS A 20 -1.76 1.18 -5.76
CA LYS A 20 -1.43 2.61 -5.76
C LYS A 20 -0.06 2.85 -5.16
N VAL A 21 0.32 4.12 -5.06
CA VAL A 21 1.62 4.49 -4.50
C VAL A 21 1.54 5.80 -3.73
N PHE A 22 2.40 5.97 -2.74
CA PHE A 22 2.42 7.18 -1.93
C PHE A 22 3.85 7.57 -1.57
N SER A 23 4.17 8.85 -1.73
CA SER A 23 5.51 9.35 -1.43
C SER A 23 5.94 8.92 -0.03
N ARG A 24 5.00 8.95 0.91
CA ARG A 24 5.29 8.57 2.29
C ARG A 24 4.38 7.43 2.73
N ASN A 25 4.90 6.57 3.61
CA ASN A 25 4.14 5.45 4.12
C ASN A 25 2.98 5.91 5.01
N SER A 26 3.20 7.01 5.73
CA SER A 26 2.19 7.55 6.61
C SER A 26 0.93 7.94 5.83
N GLN A 27 1.09 8.12 4.53
CA GLN A 27 -0.03 8.49 3.66
C GLN A 27 -0.65 7.26 3.03
N LEU A 28 0.15 6.22 2.86
CA LEU A 28 -0.33 4.97 2.27
C LEU A 28 -1.11 4.14 3.27
N SER A 29 -0.56 4.03 4.48
CA SER A 29 -1.21 3.26 5.54
C SER A 29 -2.67 3.69 5.71
N GLN A 30 -2.89 5.00 5.70
CA GLN A 30 -4.23 5.55 5.86
C GLN A 30 -5.12 5.13 4.69
N HIS A 31 -4.50 4.71 3.60
CA HIS A 31 -5.24 4.28 2.41
C HIS A 31 -5.47 2.77 2.43
N GLN A 32 -4.40 2.02 2.72
CA GLN A 32 -4.49 0.57 2.76
C GLN A 32 -5.56 0.12 3.73
N LYS A 33 -5.99 1.02 4.61
CA LYS A 33 -7.01 0.71 5.60
C LYS A 33 -8.39 0.68 4.95
N ILE A 34 -8.52 1.34 3.80
CA ILE A 34 -9.79 1.39 3.09
C ILE A 34 -10.17 0.02 2.55
N HIS A 35 -9.18 -0.84 2.38
CA HIS A 35 -9.40 -2.18 1.86
C HIS A 35 -9.78 -3.14 2.99
N THR A 36 -9.20 -2.91 4.16
CA THR A 36 -9.49 -3.75 5.33
C THR A 36 -10.77 -3.32 6.02
N GLY A 37 -11.42 -2.30 5.47
CA GLY A 37 -12.65 -1.80 6.05
C GLY A 37 -12.42 -0.97 7.30
N GLU A 38 -13.17 0.11 7.44
CA GLU A 38 -13.05 0.99 8.60
C GLU A 38 -14.18 0.77 9.59
N LYS A 39 -13.90 0.95 10.87
CA LYS A 39 -14.90 0.78 11.91
C LYS A 39 -14.63 1.72 13.08
N PRO A 40 -15.71 2.29 13.63
CA PRO A 40 -15.61 3.22 14.77
C PRO A 40 -15.22 2.51 16.06
N SER A 41 -14.97 1.21 15.96
CA SER A 41 -14.58 0.42 17.13
C SER A 41 -13.51 1.14 17.94
N GLY A 42 -13.33 0.70 19.18
CA GLY A 42 -12.34 1.31 20.05
C GLY A 42 -12.81 2.62 20.62
N PRO A 43 -12.27 2.99 21.79
CA PRO A 43 -12.62 4.24 22.48
C PRO A 43 -12.11 5.47 21.74
N SER A 44 -12.93 6.02 20.85
CA SER A 44 -12.56 7.20 20.08
C SER A 44 -13.74 7.69 19.25
N SER A 45 -13.59 8.90 18.70
CA SER A 45 -14.65 9.49 17.88
C SER A 45 -14.16 10.76 17.21
N GLY A 46 -14.51 10.93 15.94
CA GLY A 46 -14.10 12.11 15.20
C GLY A 46 -14.66 12.14 13.79
ZN ZN B . -5.14 0.65 -2.06
N GLY A 1 13.13 -18.97 -16.33
CA GLY A 1 12.26 -17.85 -16.03
C GLY A 1 13.01 -16.54 -15.90
N SER A 2 12.64 -15.57 -16.73
CA SER A 2 13.30 -14.26 -16.71
C SER A 2 12.29 -13.16 -16.37
N SER A 3 12.15 -12.88 -15.08
CA SER A 3 11.22 -11.85 -14.62
C SER A 3 11.75 -10.45 -14.95
N GLY A 4 10.85 -9.52 -15.22
CA GLY A 4 11.24 -8.16 -15.54
C GLY A 4 10.47 -7.13 -14.74
N SER A 5 11.19 -6.12 -14.25
CA SER A 5 10.56 -5.06 -13.46
C SER A 5 11.44 -3.82 -13.43
N SER A 6 10.84 -2.67 -13.75
CA SER A 6 11.58 -1.40 -13.76
C SER A 6 11.65 -0.81 -12.37
N GLY A 7 12.85 -0.81 -11.78
CA GLY A 7 13.03 -0.26 -10.46
C GLY A 7 13.60 1.15 -10.48
N THR A 8 12.73 2.14 -10.31
CA THR A 8 13.15 3.53 -10.32
C THR A 8 12.74 4.23 -9.02
N GLY A 9 11.51 4.01 -8.59
CA GLY A 9 11.01 4.63 -7.38
C GLY A 9 11.64 4.04 -6.13
N GLU A 10 12.79 4.58 -5.74
CA GLU A 10 13.50 4.09 -4.56
C GLU A 10 12.54 3.94 -3.39
N LYS A 11 11.93 5.05 -2.98
CA LYS A 11 10.99 5.04 -1.86
C LYS A 11 9.56 5.25 -2.35
N ARG A 12 8.95 4.17 -2.82
CA ARG A 12 7.58 4.23 -3.33
C ARG A 12 6.75 3.07 -2.79
N TYR A 13 6.02 3.32 -1.71
CA TYR A 13 5.19 2.29 -1.09
C TYR A 13 4.00 1.96 -1.98
N LYS A 14 4.03 0.77 -2.58
CA LYS A 14 2.94 0.32 -3.45
C LYS A 14 1.90 -0.47 -2.67
N CYS A 15 0.65 -0.04 -2.75
CA CYS A 15 -0.44 -0.72 -2.05
C CYS A 15 -0.59 -2.16 -2.54
N ASN A 16 -0.49 -3.10 -1.62
CA ASN A 16 -0.62 -4.51 -1.95
C ASN A 16 -2.09 -4.91 -2.10
N GLU A 17 -2.96 -3.91 -2.15
CA GLU A 17 -4.39 -4.15 -2.29
C GLU A 17 -4.88 -3.74 -3.68
N CYS A 18 -4.72 -2.47 -4.00
CA CYS A 18 -5.15 -1.94 -5.29
C CYS A 18 -3.98 -1.89 -6.27
N GLY A 19 -2.87 -1.32 -5.83
CA GLY A 19 -1.70 -1.21 -6.68
C GLY A 19 -1.21 0.22 -6.83
N LYS A 20 -1.73 1.10 -6.00
CA LYS A 20 -1.35 2.51 -6.04
C LYS A 20 0.01 2.72 -5.40
N VAL A 21 0.42 3.98 -5.29
CA VAL A 21 1.71 4.32 -4.70
C VAL A 21 1.62 5.61 -3.89
N PHE A 22 2.51 5.74 -2.90
CA PHE A 22 2.53 6.92 -2.04
C PHE A 22 3.96 7.31 -1.69
N SER A 23 4.24 8.61 -1.69
CA SER A 23 5.57 9.11 -1.37
C SER A 23 6.04 8.57 -0.03
N ARG A 24 5.17 8.66 0.97
CA ARG A 24 5.51 8.19 2.32
C ARG A 24 4.51 7.13 2.77
N ASN A 25 4.96 6.22 3.63
CA ASN A 25 4.12 5.15 4.15
C ASN A 25 2.98 5.73 4.99
N SER A 26 3.30 6.74 5.80
CA SER A 26 2.30 7.37 6.66
C SER A 26 1.08 7.78 5.86
N GLN A 27 1.26 7.98 4.56
CA GLN A 27 0.17 8.38 3.68
C GLN A 27 -0.50 7.17 3.06
N LEU A 28 0.24 6.08 2.92
CA LEU A 28 -0.28 4.85 2.35
C LEU A 28 -1.13 4.09 3.36
N SER A 29 -0.60 3.95 4.58
CA SER A 29 -1.31 3.24 5.64
C SER A 29 -2.73 3.78 5.80
N GLN A 30 -2.86 5.10 5.76
CA GLN A 30 -4.17 5.74 5.90
C GLN A 30 -5.07 5.40 4.72
N HIS A 31 -4.47 4.90 3.65
CA HIS A 31 -5.22 4.52 2.45
C HIS A 31 -5.59 3.05 2.48
N GLN A 32 -4.58 2.20 2.71
CA GLN A 32 -4.81 0.76 2.76
C GLN A 32 -5.97 0.41 3.67
N LYS A 33 -6.14 1.20 4.73
CA LYS A 33 -7.23 0.98 5.68
C LYS A 33 -8.56 0.80 4.96
N ILE A 34 -8.64 1.31 3.73
CA ILE A 34 -9.86 1.20 2.93
C ILE A 34 -10.10 -0.24 2.51
N HIS A 35 -9.02 -0.98 2.26
CA HIS A 35 -9.12 -2.38 1.85
C HIS A 35 -9.29 -3.29 3.06
N THR A 36 -8.71 -2.87 4.19
CA THR A 36 -8.78 -3.66 5.41
C THR A 36 -9.63 -2.95 6.47
N GLY A 37 -10.64 -3.66 6.98
CA GLY A 37 -11.50 -3.07 7.99
C GLY A 37 -12.88 -3.71 8.00
N GLU A 38 -13.54 -3.71 6.84
CA GLU A 38 -14.87 -4.29 6.72
C GLU A 38 -14.80 -5.79 6.47
N LYS A 39 -13.91 -6.46 7.21
CA LYS A 39 -13.75 -7.90 7.07
C LYS A 39 -12.88 -8.46 8.19
N PRO A 40 -13.10 -9.72 8.56
CA PRO A 40 -12.35 -10.40 9.61
C PRO A 40 -10.90 -10.67 9.22
N SER A 41 -9.98 -10.02 9.90
CA SER A 41 -8.55 -10.20 9.62
C SER A 41 -8.07 -11.56 10.08
N GLY A 42 -7.95 -12.50 9.14
CA GLY A 42 -7.51 -13.83 9.46
C GLY A 42 -6.02 -13.89 9.74
N PRO A 43 -5.61 -14.78 10.66
CA PRO A 43 -4.20 -14.95 11.04
C PRO A 43 -3.38 -15.58 9.93
N SER A 44 -2.09 -15.29 9.92
CA SER A 44 -1.19 -15.83 8.90
C SER A 44 -0.13 -16.74 9.53
N SER A 45 -0.51 -18.00 9.76
CA SER A 45 0.40 -18.96 10.37
C SER A 45 0.07 -20.38 9.90
N GLY A 46 1.05 -21.27 10.02
CA GLY A 46 0.85 -22.65 9.61
C GLY A 46 1.87 -23.59 10.21
ZN ZN B . -5.06 0.56 -2.00
N GLY A 1 32.36 -0.08 -18.33
CA GLY A 1 31.75 1.18 -18.74
C GLY A 1 30.51 1.50 -17.93
N SER A 2 30.65 2.40 -16.96
CA SER A 2 29.53 2.80 -16.12
C SER A 2 29.15 4.25 -16.36
N SER A 3 28.35 4.48 -17.40
CA SER A 3 27.91 5.83 -17.74
C SER A 3 26.69 6.23 -16.93
N GLY A 4 25.62 5.46 -17.08
CA GLY A 4 24.39 5.76 -16.36
C GLY A 4 23.60 4.50 -16.03
N SER A 5 24.24 3.55 -15.35
CA SER A 5 23.60 2.30 -14.99
C SER A 5 23.18 2.31 -13.52
N SER A 6 22.04 2.94 -13.24
CA SER A 6 21.53 3.04 -11.88
C SER A 6 20.17 2.36 -11.76
N GLY A 7 19.71 2.17 -10.53
CA GLY A 7 18.42 1.53 -10.30
C GLY A 7 17.85 1.86 -8.94
N THR A 8 18.68 1.75 -7.90
CA THR A 8 18.25 2.04 -6.54
C THR A 8 18.24 3.53 -6.26
N GLY A 9 17.25 3.99 -5.52
CA GLY A 9 17.15 5.41 -5.20
C GLY A 9 15.72 5.91 -5.21
N GLU A 10 14.80 5.09 -4.71
CA GLU A 10 13.39 5.46 -4.66
C GLU A 10 12.58 4.44 -3.86
N LYS A 11 12.04 4.89 -2.73
CA LYS A 11 11.25 4.02 -1.87
C LYS A 11 9.76 4.23 -2.10
N ARG A 12 9.23 3.59 -3.14
CA ARG A 12 7.82 3.71 -3.48
C ARG A 12 6.99 2.63 -2.77
N TYR A 13 5.97 3.05 -2.05
CA TYR A 13 5.10 2.13 -1.32
C TYR A 13 3.89 1.75 -2.16
N LYS A 14 3.95 0.60 -2.82
CA LYS A 14 2.85 0.13 -3.65
C LYS A 14 1.79 -0.56 -2.80
N CYS A 15 0.53 -0.17 -3.00
CA CYS A 15 -0.58 -0.75 -2.27
C CYS A 15 -0.91 -2.15 -2.79
N ASN A 16 -0.36 -3.16 -2.14
CA ASN A 16 -0.59 -4.54 -2.53
C ASN A 16 -2.08 -4.82 -2.66
N GLU A 17 -2.90 -3.95 -2.07
CA GLU A 17 -4.35 -4.10 -2.12
C GLU A 17 -4.88 -3.76 -3.51
N CYS A 18 -4.60 -2.55 -3.97
CA CYS A 18 -5.06 -2.09 -5.27
C CYS A 18 -3.88 -1.92 -6.23
N GLY A 19 -2.81 -1.30 -5.74
CA GLY A 19 -1.64 -1.09 -6.57
C GLY A 19 -1.16 0.35 -6.52
N LYS A 20 -1.92 1.21 -5.85
CA LYS A 20 -1.57 2.62 -5.74
C LYS A 20 -0.15 2.79 -5.21
N VAL A 21 0.27 4.04 -5.03
CA VAL A 21 1.60 4.34 -4.52
C VAL A 21 1.60 5.62 -3.69
N PHE A 22 2.54 5.71 -2.76
CA PHE A 22 2.65 6.89 -1.90
C PHE A 22 4.10 7.11 -1.48
N SER A 23 4.53 8.37 -1.53
CA SER A 23 5.90 8.73 -1.15
C SER A 23 6.10 8.55 0.36
N ARG A 24 5.09 8.90 1.14
CA ARG A 24 5.17 8.79 2.59
C ARG A 24 4.32 7.61 3.08
N ASN A 25 4.94 6.74 3.86
CA ASN A 25 4.25 5.57 4.40
C ASN A 25 3.00 5.99 5.17
N SER A 26 3.10 7.08 5.90
CA SER A 26 1.97 7.59 6.69
C SER A 26 0.81 7.97 5.77
N GLN A 27 1.10 8.12 4.49
CA GLN A 27 0.08 8.48 3.51
C GLN A 27 -0.53 7.25 2.87
N LEU A 28 0.25 6.18 2.80
CA LEU A 28 -0.21 4.92 2.21
C LEU A 28 -1.04 4.11 3.21
N SER A 29 -0.54 4.03 4.44
CA SER A 29 -1.22 3.29 5.50
C SER A 29 -2.65 3.79 5.68
N GLN A 30 -2.81 5.11 5.67
CA GLN A 30 -4.12 5.72 5.84
C GLN A 30 -5.04 5.38 4.67
N HIS A 31 -4.44 4.88 3.59
CA HIS A 31 -5.20 4.51 2.40
C HIS A 31 -5.56 3.03 2.42
N GLN A 32 -4.57 2.19 2.75
CA GLN A 32 -4.79 0.75 2.82
C GLN A 32 -5.96 0.41 3.74
N LYS A 33 -6.12 1.20 4.79
CA LYS A 33 -7.19 0.98 5.75
C LYS A 33 -8.53 0.80 5.03
N ILE A 34 -8.59 1.24 3.78
CA ILE A 34 -9.81 1.12 2.99
C ILE A 34 -10.06 -0.33 2.58
N HIS A 35 -8.99 -1.05 2.31
CA HIS A 35 -9.10 -2.45 1.92
C HIS A 35 -9.20 -3.36 3.14
N THR A 36 -9.68 -2.80 4.25
CA THR A 36 -9.84 -3.55 5.48
C THR A 36 -11.26 -4.08 5.64
N GLY A 37 -11.38 -5.38 5.89
CA GLY A 37 -12.69 -5.98 6.06
C GLY A 37 -13.53 -5.89 4.80
N GLU A 38 -13.96 -7.04 4.29
CA GLU A 38 -14.77 -7.10 3.09
C GLU A 38 -15.22 -8.52 2.79
N LYS A 39 -16.53 -8.74 2.80
CA LYS A 39 -17.09 -10.06 2.54
C LYS A 39 -17.33 -10.25 1.04
N PRO A 40 -17.14 -11.49 0.57
CA PRO A 40 -17.33 -11.84 -0.85
C PRO A 40 -18.80 -11.80 -1.25
N SER A 41 -19.64 -12.49 -0.47
CA SER A 41 -21.06 -12.54 -0.75
C SER A 41 -21.35 -13.45 -1.94
N GLY A 42 -20.63 -14.56 -2.03
CA GLY A 42 -20.82 -15.49 -3.13
C GLY A 42 -21.33 -16.84 -2.65
N PRO A 43 -21.07 -17.88 -3.46
CA PRO A 43 -21.50 -19.25 -3.15
C PRO A 43 -20.73 -19.84 -1.97
N SER A 44 -21.43 -20.02 -0.85
CA SER A 44 -20.81 -20.58 0.35
C SER A 44 -20.98 -22.10 0.39
N SER A 45 -20.46 -22.72 1.45
CA SER A 45 -20.54 -24.16 1.61
C SER A 45 -21.94 -24.57 2.08
N GLY A 46 -22.74 -25.10 1.15
CA GLY A 46 -24.08 -25.53 1.48
C GLY A 46 -24.46 -26.83 0.80
ZN ZN B . -5.20 0.65 -2.06
N GLY A 1 23.46 -18.44 -12.18
CA GLY A 1 23.29 -17.02 -12.36
C GLY A 1 23.60 -16.24 -11.09
N SER A 2 24.47 -15.23 -11.22
CA SER A 2 24.86 -14.42 -10.08
C SER A 2 25.09 -12.97 -10.51
N SER A 3 24.45 -12.04 -9.81
CA SER A 3 24.59 -10.62 -10.11
C SER A 3 24.04 -9.77 -8.99
N GLY A 4 24.31 -8.47 -9.05
CA GLY A 4 23.83 -7.55 -8.02
C GLY A 4 23.34 -6.24 -8.59
N SER A 5 22.07 -5.94 -8.37
CA SER A 5 21.47 -4.71 -8.88
C SER A 5 20.45 -4.16 -7.88
N SER A 6 20.78 -3.02 -7.28
CA SER A 6 19.88 -2.39 -6.31
C SER A 6 20.39 -0.99 -5.95
N GLY A 7 19.53 0.01 -6.17
CA GLY A 7 19.91 1.38 -5.86
C GLY A 7 19.43 1.81 -4.49
N THR A 8 20.36 2.01 -3.57
CA THR A 8 20.03 2.42 -2.22
C THR A 8 19.30 3.77 -2.22
N GLY A 9 18.14 3.79 -1.57
CA GLY A 9 17.36 5.02 -1.50
C GLY A 9 16.05 4.84 -0.75
N GLU A 10 14.94 5.16 -1.41
CA GLU A 10 13.63 5.04 -0.79
C GLU A 10 12.75 4.10 -1.60
N LYS A 11 12.15 3.12 -0.91
CA LYS A 11 11.28 2.16 -1.57
C LYS A 11 9.87 2.72 -1.73
N ARG A 12 9.31 2.60 -2.93
CA ARG A 12 7.98 3.09 -3.21
C ARG A 12 6.92 2.17 -2.62
N TYR A 13 6.24 2.64 -1.58
CA TYR A 13 5.21 1.85 -0.91
C TYR A 13 4.01 1.66 -1.83
N LYS A 14 3.95 0.49 -2.48
CA LYS A 14 2.85 0.16 -3.39
C LYS A 14 1.73 -0.54 -2.64
N CYS A 15 0.52 0.00 -2.76
CA CYS A 15 -0.64 -0.57 -2.10
C CYS A 15 -1.00 -1.93 -2.71
N ASN A 16 -0.27 -2.96 -2.29
CA ASN A 16 -0.49 -4.31 -2.79
C ASN A 16 -1.98 -4.58 -2.96
N GLU A 17 -2.79 -3.89 -2.17
CA GLU A 17 -4.24 -4.05 -2.22
C GLU A 17 -4.79 -3.68 -3.60
N CYS A 18 -4.73 -2.39 -3.91
CA CYS A 18 -5.21 -1.89 -5.20
C CYS A 18 -4.08 -1.82 -6.21
N GLY A 19 -2.90 -1.38 -5.77
CA GLY A 19 -1.76 -1.26 -6.65
C GLY A 19 -1.33 0.17 -6.85
N LYS A 20 -1.68 1.04 -5.91
CA LYS A 20 -1.32 2.45 -5.99
C LYS A 20 0.01 2.70 -5.31
N VAL A 21 0.44 3.96 -5.30
CA VAL A 21 1.70 4.35 -4.67
C VAL A 21 1.58 5.69 -3.97
N PHE A 22 2.44 5.92 -2.98
CA PHE A 22 2.43 7.16 -2.22
C PHE A 22 3.85 7.63 -1.93
N SER A 23 3.99 8.92 -1.63
CA SER A 23 5.30 9.49 -1.33
C SER A 23 5.84 8.96 0.00
N ARG A 24 4.98 8.93 1.01
CA ARG A 24 5.36 8.44 2.32
C ARG A 24 4.43 7.32 2.78
N ASN A 25 4.87 6.56 3.79
CA ASN A 25 4.09 5.46 4.32
C ASN A 25 2.92 5.97 5.16
N SER A 26 3.17 7.04 5.90
CA SER A 26 2.14 7.63 6.75
C SER A 26 0.92 8.05 5.92
N GLN A 27 1.14 8.19 4.63
CA GLN A 27 0.06 8.60 3.72
C GLN A 27 -0.58 7.37 3.06
N LEU A 28 0.18 6.29 2.97
CA LEU A 28 -0.31 5.06 2.35
C LEU A 28 -1.11 4.23 3.36
N SER A 29 -0.55 4.07 4.56
CA SER A 29 -1.20 3.31 5.61
C SER A 29 -2.64 3.75 5.81
N GLN A 30 -2.84 5.07 5.87
CA GLN A 30 -4.18 5.63 6.05
C GLN A 30 -5.07 5.30 4.86
N HIS A 31 -4.45 4.88 3.76
CA HIS A 31 -5.19 4.53 2.56
C HIS A 31 -5.49 3.03 2.51
N GLN A 32 -4.45 2.22 2.69
CA GLN A 32 -4.59 0.78 2.67
C GLN A 32 -5.77 0.34 3.55
N LYS A 33 -5.99 1.05 4.65
CA LYS A 33 -7.07 0.74 5.56
C LYS A 33 -8.39 0.54 4.80
N ILE A 34 -8.53 1.27 3.69
CA ILE A 34 -9.73 1.17 2.88
C ILE A 34 -10.05 -0.27 2.51
N HIS A 35 -9.00 -1.08 2.38
CA HIS A 35 -9.16 -2.49 2.04
C HIS A 35 -9.28 -3.35 3.30
N THR A 36 -9.62 -2.70 4.42
CA THR A 36 -9.76 -3.40 5.69
C THR A 36 -11.08 -3.07 6.36
N GLY A 37 -11.81 -4.11 6.78
CA GLY A 37 -13.09 -3.91 7.43
C GLY A 37 -14.24 -4.50 6.64
N GLU A 38 -14.17 -4.38 5.32
CA GLU A 38 -15.22 -4.91 4.45
C GLU A 38 -14.79 -4.84 2.98
N LYS A 39 -14.62 -5.99 2.36
CA LYS A 39 -14.21 -6.06 0.96
C LYS A 39 -15.26 -6.79 0.13
N PRO A 40 -16.32 -6.08 -0.27
CA PRO A 40 -17.41 -6.65 -1.07
C PRO A 40 -16.97 -6.97 -2.50
N SER A 41 -15.78 -6.49 -2.86
CA SER A 41 -15.25 -6.72 -4.20
C SER A 41 -14.34 -7.94 -4.22
N GLY A 42 -13.40 -7.98 -3.28
CA GLY A 42 -12.47 -9.10 -3.21
C GLY A 42 -11.29 -8.93 -4.15
N PRO A 43 -10.41 -7.97 -3.84
CA PRO A 43 -9.22 -7.70 -4.65
C PRO A 43 -8.18 -8.81 -4.56
N SER A 44 -8.33 -9.67 -3.56
CA SER A 44 -7.40 -10.77 -3.35
C SER A 44 -7.31 -11.63 -4.61
N SER A 45 -6.13 -12.21 -4.85
CA SER A 45 -5.91 -13.05 -6.00
C SER A 45 -4.82 -14.08 -5.73
N GLY A 46 -5.02 -15.30 -6.25
CA GLY A 46 -4.05 -16.35 -6.04
C GLY A 46 -3.71 -17.09 -7.32
ZN ZN B . -5.22 0.80 -1.86
N GLY A 1 4.88 -7.20 -26.86
CA GLY A 1 5.34 -6.47 -25.70
C GLY A 1 6.45 -5.50 -26.03
N SER A 2 6.85 -4.71 -25.04
CA SER A 2 7.91 -3.73 -25.24
C SER A 2 8.58 -3.39 -23.90
N SER A 3 9.80 -2.85 -23.98
CA SER A 3 10.55 -2.48 -22.80
C SER A 3 10.73 -0.97 -22.70
N GLY A 4 11.31 -0.51 -21.60
CA GLY A 4 11.51 0.91 -21.41
C GLY A 4 12.27 1.21 -20.13
N SER A 5 11.77 2.18 -19.36
CA SER A 5 12.41 2.57 -18.11
C SER A 5 11.40 3.21 -17.16
N SER A 6 11.67 3.10 -15.87
CA SER A 6 10.78 3.67 -14.85
C SER A 6 11.14 5.13 -14.57
N GLY A 7 12.38 5.37 -14.18
CA GLY A 7 12.82 6.72 -13.89
C GLY A 7 12.81 7.02 -12.41
N THR A 8 11.63 6.95 -11.80
CA THR A 8 11.48 7.22 -10.38
C THR A 8 12.10 6.12 -9.54
N GLY A 9 12.74 6.49 -8.43
CA GLY A 9 13.36 5.51 -7.56
C GLY A 9 12.46 4.33 -7.27
N GLU A 10 13.06 3.17 -7.04
CA GLU A 10 12.29 1.97 -6.75
C GLU A 10 12.03 1.83 -5.26
N LYS A 11 11.79 2.95 -4.60
CA LYS A 11 11.53 2.96 -3.16
C LYS A 11 10.16 3.55 -2.86
N ARG A 12 9.20 3.28 -3.74
CA ARG A 12 7.84 3.79 -3.57
C ARG A 12 6.94 2.72 -2.94
N TYR A 13 6.22 3.11 -1.90
CA TYR A 13 5.33 2.19 -1.20
C TYR A 13 4.09 1.89 -2.06
N LYS A 14 4.11 0.75 -2.74
CA LYS A 14 2.99 0.35 -3.58
C LYS A 14 1.96 -0.45 -2.78
N CYS A 15 0.70 -0.03 -2.86
CA CYS A 15 -0.38 -0.71 -2.15
C CYS A 15 -0.64 -2.08 -2.76
N ASN A 16 -0.01 -3.11 -2.21
CA ASN A 16 -0.17 -4.47 -2.69
C ASN A 16 -1.65 -4.84 -2.77
N GLU A 17 -2.48 -4.08 -2.06
CA GLU A 17 -3.93 -4.33 -2.06
C GLU A 17 -4.54 -3.97 -3.41
N CYS A 18 -4.43 -2.71 -3.78
CA CYS A 18 -4.98 -2.24 -5.05
C CYS A 18 -3.87 -2.04 -6.08
N GLY A 19 -2.76 -1.46 -5.65
CA GLY A 19 -1.64 -1.22 -6.54
C GLY A 19 -1.26 0.24 -6.64
N LYS A 20 -1.81 1.05 -5.73
CA LYS A 20 -1.53 2.48 -5.71
C LYS A 20 -0.12 2.75 -5.21
N VAL A 21 0.22 4.02 -5.06
CA VAL A 21 1.55 4.42 -4.59
C VAL A 21 1.49 5.73 -3.81
N PHE A 22 2.41 5.89 -2.87
CA PHE A 22 2.47 7.10 -2.06
C PHE A 22 3.91 7.46 -1.71
N SER A 23 4.19 8.75 -1.67
CA SER A 23 5.54 9.24 -1.35
C SER A 23 5.97 8.77 0.03
N ARG A 24 5.08 8.90 1.01
CA ARG A 24 5.37 8.49 2.38
C ARG A 24 4.48 7.33 2.80
N ASN A 25 4.90 6.62 3.84
CA ASN A 25 4.14 5.49 4.34
C ASN A 25 2.91 5.94 5.12
N SER A 26 3.10 6.98 5.93
CA SER A 26 2.01 7.51 6.74
C SER A 26 0.79 7.81 5.87
N GLN A 27 1.01 7.97 4.57
CA GLN A 27 -0.07 8.26 3.64
C GLN A 27 -0.62 6.98 3.03
N LEU A 28 0.24 5.98 2.88
CA LEU A 28 -0.17 4.69 2.31
C LEU A 28 -0.96 3.88 3.34
N SER A 29 -0.44 3.81 4.56
CA SER A 29 -1.09 3.05 5.62
C SER A 29 -2.52 3.54 5.84
N GLN A 30 -2.69 4.86 5.85
CA GLN A 30 -4.00 5.47 6.04
C GLN A 30 -4.91 5.21 4.83
N HIS A 31 -4.32 4.69 3.77
CA HIS A 31 -5.07 4.39 2.55
C HIS A 31 -5.53 2.93 2.53
N GLN A 32 -4.60 2.02 2.84
CA GLN A 32 -4.91 0.60 2.85
C GLN A 32 -6.12 0.31 3.73
N LYS A 33 -6.32 1.16 4.74
CA LYS A 33 -7.45 1.00 5.66
C LYS A 33 -8.77 1.02 4.91
N ILE A 34 -8.76 1.62 3.72
CA ILE A 34 -9.97 1.71 2.90
C ILE A 34 -10.38 0.34 2.38
N HIS A 35 -9.42 -0.58 2.36
CA HIS A 35 -9.69 -1.94 1.88
C HIS A 35 -10.34 -2.78 2.97
N THR A 36 -10.09 -2.42 4.22
CA THR A 36 -10.64 -3.14 5.36
C THR A 36 -12.04 -2.63 5.70
N GLY A 37 -12.65 -1.91 4.77
CA GLY A 37 -13.98 -1.38 4.99
C GLY A 37 -15.01 -2.01 4.09
N GLU A 38 -16.28 -1.64 4.29
CA GLU A 38 -17.37 -2.18 3.49
C GLU A 38 -17.04 -2.08 2.00
N LYS A 39 -17.67 -2.95 1.21
CA LYS A 39 -17.45 -2.96 -0.23
C LYS A 39 -18.77 -3.10 -0.97
N PRO A 40 -18.82 -2.56 -2.21
CA PRO A 40 -20.01 -2.60 -3.05
C PRO A 40 -20.32 -4.02 -3.55
N SER A 41 -21.35 -4.13 -4.37
CA SER A 41 -21.74 -5.42 -4.93
C SER A 41 -21.96 -6.45 -3.81
N GLY A 42 -22.56 -6.00 -2.71
CA GLY A 42 -22.80 -6.89 -1.59
C GLY A 42 -21.67 -7.86 -1.35
N PRO A 43 -21.97 -8.97 -0.66
CA PRO A 43 -20.98 -10.00 -0.35
C PRO A 43 -20.54 -10.77 -1.59
N SER A 44 -21.51 -11.20 -2.39
CA SER A 44 -21.23 -11.96 -3.61
C SER A 44 -20.07 -11.32 -4.38
N SER A 45 -19.15 -12.16 -4.85
CA SER A 45 -18.00 -11.69 -5.60
C SER A 45 -18.41 -11.25 -7.00
N GLY A 46 -18.99 -12.17 -7.76
CA GLY A 46 -19.42 -11.85 -9.11
C GLY A 46 -18.81 -12.79 -10.14
ZN ZN B . -4.88 0.52 -1.80
#